data_6G70
#
_entry.id   6G70
#
_cell.length_a   189.490
_cell.length_b   72.760
_cell.length_c   207.100
_cell.angle_alpha   90.00
_cell.angle_beta   112.46
_cell.angle_gamma   90.00
#
_symmetry.space_group_name_H-M   'C 1 2 1'
#
_entity_poly.entity_id   1
_entity_poly.type   'polypeptide(L)'
_entity_poly.pdbx_seq_one_letter_code
;GPLGSMQNSHMEEYRNSDNGSTGNSSEVAVVEHPDFSTEIMNVTEMEQSPDASPSAHASTEENEMANAVNLPVTEAEGDF
PPEFEKFWKTVEMNPQDFTGWVYLLQYVEQENHLMAARKAFDKFFVHYPYCYGYWKKYADLEKRHDNIKQSDEVYRRGLQ
AIPLSVDLWIHYINFLKETLDPGDQETNTTIRGTFEHAVLAAGTDFRSDKLWEMYINWENEQGNLREVTAVYDRILGIPT
QLYSHHFQRFKEHVQNNLPRDLLTGEQFIQLRRELASVNGHSGDDGPPGDDLPSGIEDITDPAKLITEIENMRHRIIEIH
QEMFNYNEHEVSKRWTFEEGIKRPYFHVKPLEKAQLKNWKEYLEFEIENGTHERVVVLFERCVISCALYEEFWIKYAKYM
ENHSIEGVRHVFSRACTVHLPKKPMAHMLWAAFEEQQGNINEARIILRTFEECVLGLAMVRLRRVSLERRHGNMEEAEHL
LQDAIKNAKSNNESSFYAIKLARHLFKIQKNLPKSRKVLLEAIEKDKENTKLYLNLLEMEYSCDLKQNEENILNCFDKAI
HGSLPIKMRITFSQRKVEFLEDFGSDVNKLLNAYDEHQTLLKEQDTLKRKAENGSEEPEEKKAHTEDLSSAQIIDGDLQA
NQAAYNYSAWYQYNYQNPWNYGQYYPPPPT
;
_entity_poly.pdbx_strand_id   A,B
#
# COMPACT_ATOMS: atom_id res chain seq x y z
N ASP A 79 62.64 17.14 -7.63
CA ASP A 79 62.41 18.01 -8.78
C ASP A 79 61.29 17.45 -9.67
N PHE A 80 60.28 18.26 -9.92
CA PHE A 80 59.08 17.87 -10.64
C PHE A 80 58.58 19.06 -11.44
N PRO A 81 57.73 18.86 -12.44
CA PRO A 81 57.15 20.00 -13.13
C PRO A 81 56.18 20.70 -12.20
N PRO A 82 55.87 21.97 -12.45
CA PRO A 82 55.11 22.73 -11.46
C PRO A 82 53.69 22.22 -11.26
N GLU A 83 52.80 22.47 -12.22
CA GLU A 83 51.37 22.23 -12.08
C GLU A 83 51.02 20.76 -11.89
N PHE A 84 52.02 19.88 -11.82
CA PHE A 84 51.81 18.44 -11.74
C PHE A 84 50.74 18.09 -10.72
N GLU A 85 50.97 18.51 -9.47
CA GLU A 85 50.08 18.18 -8.35
C GLU A 85 48.62 18.31 -8.74
N LYS A 86 48.27 19.43 -9.40
CA LYS A 86 46.87 19.68 -9.75
C LYS A 86 46.29 18.50 -10.49
N PHE A 87 46.90 18.17 -11.64
CA PHE A 87 46.44 17.05 -12.45
C PHE A 87 46.36 15.80 -11.58
N TRP A 88 47.42 15.56 -10.79
CA TRP A 88 47.45 14.35 -9.98
C TRP A 88 46.28 14.30 -9.02
N LYS A 89 45.92 15.45 -8.42
CA LYS A 89 44.81 15.44 -7.47
C LYS A 89 43.52 15.03 -8.17
N THR A 90 43.31 15.49 -9.40
CA THR A 90 42.14 15.06 -10.15
C THR A 90 42.04 13.54 -10.14
N VAL A 91 43.15 12.89 -10.47
CA VAL A 91 43.16 11.43 -10.45
C VAL A 91 43.13 10.93 -9.01
N GLU A 92 43.86 11.61 -8.12
CA GLU A 92 43.72 11.35 -6.69
C GLU A 92 42.27 11.46 -6.24
N MET A 93 41.50 12.33 -6.91
CA MET A 93 40.09 12.51 -6.57
C MET A 93 39.23 11.40 -7.17
N ASN A 94 39.20 11.33 -8.51
CA ASN A 94 38.28 10.46 -9.24
C ASN A 94 39.11 9.71 -10.28
N PRO A 95 39.65 8.54 -9.90
CA PRO A 95 40.54 7.81 -10.82
C PRO A 95 39.93 7.49 -12.18
N GLN A 96 38.59 7.43 -12.28
CA GLN A 96 37.96 7.14 -13.56
C GLN A 96 37.77 8.36 -14.47
N ASP A 97 38.19 9.56 -14.04
CA ASP A 97 38.06 10.74 -14.89
C ASP A 97 39.09 10.58 -16.01
N PHE A 98 38.77 9.72 -16.97
CA PHE A 98 39.63 9.48 -18.13
C PHE A 98 40.16 10.77 -18.72
N THR A 99 39.26 11.74 -18.93
CA THR A 99 39.67 13.05 -19.42
C THR A 99 40.78 13.64 -18.55
N GLY A 100 40.69 13.44 -17.23
CA GLY A 100 41.74 13.92 -16.35
C GLY A 100 43.08 13.31 -16.69
N TRP A 101 43.10 12.00 -16.92
CA TRP A 101 44.31 11.36 -17.42
C TRP A 101 44.80 12.05 -18.67
N VAL A 102 44.01 11.99 -19.74
CA VAL A 102 44.39 12.51 -21.06
C VAL A 102 45.07 13.87 -20.92
N TYR A 103 44.47 14.76 -20.13
CA TYR A 103 45.07 16.07 -19.88
C TYR A 103 46.42 15.93 -19.18
N LEU A 104 46.47 15.11 -18.11
CA LEU A 104 47.72 14.89 -17.38
C LEU A 104 48.83 14.41 -18.29
N LEU A 105 48.49 13.53 -19.23
CA LEU A 105 49.51 12.90 -20.07
C LEU A 105 50.02 13.86 -21.14
N GLN A 106 49.13 14.64 -21.79
CA GLN A 106 49.64 15.68 -22.66
C GLN A 106 50.57 16.62 -21.89
N TYR A 107 50.19 16.95 -20.64
CA TYR A 107 51.04 17.79 -19.80
C TYR A 107 52.40 17.17 -19.59
N VAL A 108 52.43 15.92 -19.11
CA VAL A 108 53.70 15.31 -18.69
C VAL A 108 54.60 15.07 -19.90
N GLU A 109 54.03 14.70 -21.05
CA GLU A 109 54.81 14.66 -22.30
C GLU A 109 55.43 16.02 -22.58
N GLN A 110 54.59 17.05 -22.74
CA GLN A 110 55.08 18.37 -23.15
C GLN A 110 56.15 18.89 -22.19
N GLU A 111 56.09 18.48 -20.92
CA GLU A 111 57.13 18.90 -19.98
C GLU A 111 58.38 18.04 -20.11
N ASN A 112 58.21 16.75 -20.39
CA ASN A 112 59.29 15.79 -20.59
C ASN A 112 60.15 15.66 -19.33
N HIS A 113 59.49 15.35 -18.21
CA HIS A 113 60.14 14.95 -16.98
C HIS A 113 59.90 13.46 -16.81
N LEU A 114 60.97 12.70 -16.64
CA LEU A 114 60.89 11.24 -16.71
C LEU A 114 60.10 10.65 -15.57
N MET A 115 60.64 10.77 -14.35
CA MET A 115 60.09 10.02 -13.20
C MET A 115 58.59 10.29 -13.04
N ALA A 116 58.17 11.52 -13.29
CA ALA A 116 56.75 11.87 -13.25
C ALA A 116 55.96 11.03 -14.25
N ALA A 117 56.41 11.03 -15.50
CA ALA A 117 55.73 10.25 -16.54
C ALA A 117 55.69 8.78 -16.17
N ARG A 118 56.76 8.25 -15.58
CA ARG A 118 56.76 6.85 -15.21
C ARG A 118 55.70 6.56 -14.16
N LYS A 119 55.68 7.33 -13.07
CA LYS A 119 54.66 7.16 -12.04
C LYS A 119 53.27 7.21 -12.65
N ALA A 120 53.02 8.24 -13.45
CA ALA A 120 51.74 8.44 -14.11
C ALA A 120 51.36 7.21 -14.91
N PHE A 121 52.09 6.97 -16.01
CA PHE A 121 51.77 5.87 -16.92
C PHE A 121 51.59 4.56 -16.16
N ASP A 122 52.43 4.28 -15.15
CA ASP A 122 52.31 3.02 -14.41
C ASP A 122 50.95 2.92 -13.74
N LYS A 123 50.59 3.93 -12.93
CA LYS A 123 49.30 3.89 -12.24
C LYS A 123 48.14 3.83 -13.24
N PHE A 124 48.17 4.71 -14.25
CA PHE A 124 47.09 4.78 -15.23
C PHE A 124 46.88 3.41 -15.88
N PHE A 125 47.96 2.83 -16.39
CA PHE A 125 47.85 1.53 -17.06
C PHE A 125 47.37 0.45 -16.10
N VAL A 126 47.68 0.58 -14.81
CA VAL A 126 47.02 -0.29 -13.83
C VAL A 126 45.51 -0.13 -13.95
N HIS A 127 45.04 1.11 -14.08
CA HIS A 127 43.59 1.29 -14.06
C HIS A 127 42.94 1.05 -15.43
N TYR A 128 43.50 1.60 -16.51
CA TYR A 128 42.91 1.49 -17.85
C TYR A 128 43.93 0.88 -18.82
N PRO A 129 44.27 -0.41 -18.66
CA PRO A 129 45.36 -0.98 -19.45
C PRO A 129 45.11 -1.03 -20.96
N TYR A 130 43.91 -1.40 -21.40
CA TYR A 130 43.67 -1.82 -22.77
C TYR A 130 43.90 -0.74 -23.84
N CYS A 131 44.35 0.44 -23.43
CA CYS A 131 44.59 1.55 -24.36
C CYS A 131 46.04 1.46 -24.86
N TYR A 132 46.24 0.84 -26.02
CA TYR A 132 47.60 0.55 -26.46
C TYR A 132 48.33 1.83 -26.90
N GLY A 133 47.62 2.74 -27.56
CA GLY A 133 48.27 3.94 -28.08
C GLY A 133 49.08 4.66 -27.03
N TYR A 134 48.58 4.68 -25.79
CA TYR A 134 49.36 5.28 -24.72
C TYR A 134 50.55 4.39 -24.34
N TRP A 135 50.44 3.07 -24.50
CA TRP A 135 51.60 2.22 -24.33
C TRP A 135 52.70 2.61 -25.32
N LYS A 136 52.34 2.69 -26.60
CA LYS A 136 53.28 3.11 -27.63
C LYS A 136 53.91 4.45 -27.28
N LYS A 137 53.10 5.42 -26.87
CA LYS A 137 53.66 6.74 -26.54
C LYS A 137 54.60 6.66 -25.33
N TYR A 138 54.24 5.86 -24.32
CA TYR A 138 55.09 5.64 -23.15
C TYR A 138 56.46 5.10 -23.58
N ALA A 139 56.44 4.05 -24.42
CA ALA A 139 57.67 3.44 -24.87
C ALA A 139 58.49 4.42 -25.71
N ASP A 140 57.84 5.18 -26.59
CA ASP A 140 58.54 6.17 -27.39
C ASP A 140 59.18 7.23 -26.50
N LEU A 141 58.55 7.54 -25.37
CA LEU A 141 59.17 8.46 -24.41
C LEU A 141 60.44 7.86 -23.84
N GLU A 142 60.34 6.64 -23.30
CA GLU A 142 61.51 6.00 -22.72
C GLU A 142 62.65 5.91 -23.73
N LYS A 143 62.32 5.65 -25.01
CA LYS A 143 63.32 5.74 -26.08
C LYS A 143 63.90 7.15 -26.18
N ARG A 144 63.03 8.15 -26.25
CA ARG A 144 63.48 9.54 -26.35
C ARG A 144 64.44 9.91 -25.23
N HIS A 145 64.39 9.20 -24.10
CA HIS A 145 65.35 9.40 -23.03
C HIS A 145 66.49 8.39 -23.10
N ASP A 146 66.67 7.74 -24.26
CA ASP A 146 67.79 6.85 -24.54
C ASP A 146 68.02 5.85 -23.40
N ASN A 147 66.91 5.28 -22.92
CA ASN A 147 66.92 4.28 -21.86
C ASN A 147 66.14 3.08 -22.41
N ILE A 148 66.73 2.43 -23.41
CA ILE A 148 66.01 1.52 -24.31
C ILE A 148 65.49 0.30 -23.54
N LYS A 149 66.35 -0.29 -22.71
CA LYS A 149 65.98 -1.47 -21.93
C LYS A 149 64.63 -1.27 -21.28
N GLN A 150 64.40 -0.06 -20.75
CA GLN A 150 63.11 0.31 -20.21
C GLN A 150 62.01 0.26 -21.26
N SER A 151 62.29 0.71 -22.49
CA SER A 151 61.25 0.65 -23.53
C SER A 151 60.87 -0.80 -23.84
N ASP A 152 61.85 -1.70 -23.84
CA ASP A 152 61.53 -3.11 -23.99
C ASP A 152 60.68 -3.61 -22.82
N GLU A 153 61.04 -3.21 -21.60
CA GLU A 153 60.22 -3.56 -20.44
C GLU A 153 58.80 -3.05 -20.61
N VAL A 154 58.64 -1.86 -21.19
CA VAL A 154 57.33 -1.26 -21.35
C VAL A 154 56.50 -2.06 -22.36
N TYR A 155 57.09 -2.36 -23.52
CA TYR A 155 56.38 -3.16 -24.52
C TYR A 155 55.97 -4.51 -23.95
N ARG A 156 56.88 -5.16 -23.20
CA ARG A 156 56.56 -6.45 -22.61
C ARG A 156 55.46 -6.30 -21.56
N ARG A 157 55.48 -5.20 -20.79
CA ARG A 157 54.42 -4.94 -19.81
C ARG A 157 53.07 -4.83 -20.49
N GLY A 158 52.98 -3.96 -21.50
CA GLY A 158 51.73 -3.77 -22.21
C GLY A 158 51.22 -5.06 -22.82
N LEU A 159 52.11 -5.81 -23.49
CA LEU A 159 51.69 -7.05 -24.12
C LEU A 159 51.26 -8.09 -23.09
N GLN A 160 51.98 -8.19 -21.96
CA GLN A 160 51.54 -9.08 -20.89
C GLN A 160 50.15 -8.68 -20.41
N ALA A 161 49.86 -7.38 -20.42
CA ALA A 161 48.53 -6.92 -20.04
C ALA A 161 47.53 -7.14 -21.18
N ILE A 162 47.85 -6.69 -22.38
CA ILE A 162 46.95 -6.87 -23.53
C ILE A 162 47.66 -7.61 -24.64
N PRO A 163 47.28 -8.86 -24.94
CA PRO A 163 47.99 -9.63 -25.96
C PRO A 163 47.17 -9.87 -27.20
N LEU A 164 46.23 -8.97 -27.51
CA LEU A 164 45.46 -9.09 -28.74
C LEU A 164 45.43 -7.79 -29.53
N SER A 165 46.25 -6.80 -29.15
CA SER A 165 46.38 -5.58 -29.92
C SER A 165 47.46 -5.84 -30.97
N VAL A 166 47.02 -6.30 -32.14
CA VAL A 166 47.91 -6.50 -33.28
C VAL A 166 48.83 -5.30 -33.45
N ASP A 167 48.25 -4.09 -33.39
CA ASP A 167 49.01 -2.88 -33.61
C ASP A 167 50.18 -2.76 -32.63
N LEU A 168 49.99 -3.23 -31.39
CA LEU A 168 51.05 -3.09 -30.39
C LEU A 168 52.20 -4.05 -30.66
N TRP A 169 51.89 -5.30 -31.01
CA TRP A 169 52.94 -6.24 -31.40
C TRP A 169 53.71 -5.71 -32.61
N ILE A 170 52.99 -5.12 -33.57
CA ILE A 170 53.64 -4.52 -34.73
C ILE A 170 54.61 -3.42 -34.28
N HIS A 171 54.17 -2.57 -33.36
CA HIS A 171 55.06 -1.52 -32.85
C HIS A 171 56.29 -2.12 -32.17
N TYR A 172 56.08 -3.17 -31.37
CA TYR A 172 57.20 -3.81 -30.67
C TYR A 172 58.21 -4.36 -31.66
N ILE A 173 57.72 -4.99 -32.73
CA ILE A 173 58.61 -5.63 -33.70
C ILE A 173 59.36 -4.58 -34.52
N ASN A 174 58.64 -3.58 -35.06
CA ASN A 174 59.31 -2.46 -35.72
C ASN A 174 60.34 -1.81 -34.81
N PHE A 175 60.05 -1.74 -33.50
CA PHE A 175 61.01 -1.24 -32.52
C PHE A 175 62.26 -2.09 -32.49
N LEU A 176 62.07 -3.42 -32.44
CA LEU A 176 63.21 -4.33 -32.43
C LEU A 176 64.05 -4.15 -33.70
N LYS A 177 63.41 -4.06 -34.86
CA LYS A 177 64.12 -3.79 -36.11
C LYS A 177 64.95 -2.52 -36.00
N GLU A 178 64.36 -1.44 -35.48
CA GLU A 178 65.08 -0.18 -35.36
C GLU A 178 66.29 -0.31 -34.43
N THR A 179 66.13 -1.03 -33.31
CA THR A 179 67.17 -1.12 -32.29
C THR A 179 67.49 -2.59 -32.04
N LEU A 180 68.53 -3.07 -32.71
CA LEU A 180 69.16 -4.37 -32.47
C LEU A 180 70.46 -4.39 -33.27
N ASP A 181 71.48 -5.06 -32.72
CA ASP A 181 72.77 -5.08 -33.37
C ASP A 181 72.87 -6.35 -34.18
N PRO A 182 72.65 -6.31 -35.50
CA PRO A 182 72.74 -7.54 -36.31
C PRO A 182 74.08 -8.24 -36.21
N GLY A 183 75.14 -7.56 -35.77
CA GLY A 183 76.41 -8.23 -35.54
C GLY A 183 76.30 -9.44 -34.64
N ASP A 184 75.40 -9.37 -33.66
CA ASP A 184 75.08 -10.54 -32.84
C ASP A 184 74.14 -11.46 -33.62
N GLN A 185 74.33 -12.76 -33.46
CA GLN A 185 73.43 -13.73 -34.09
C GLN A 185 72.10 -13.81 -33.35
N GLU A 186 72.12 -13.60 -32.03
CA GLU A 186 70.95 -13.83 -31.19
C GLU A 186 69.79 -12.92 -31.55
N THR A 187 70.06 -11.80 -32.24
CA THR A 187 69.02 -10.85 -32.59
C THR A 187 67.90 -11.51 -33.40
N ASN A 188 68.26 -12.11 -34.53
CA ASN A 188 67.27 -12.78 -35.37
C ASN A 188 66.54 -13.87 -34.60
N THR A 189 67.22 -14.55 -33.68
CA THR A 189 66.56 -15.54 -32.82
C THR A 189 65.48 -14.89 -31.97
N THR A 190 65.81 -13.75 -31.36
CA THR A 190 64.83 -13.03 -30.54
C THR A 190 63.65 -12.56 -31.40
N ILE A 191 63.94 -12.05 -32.60
CA ILE A 191 62.89 -11.59 -33.51
C ILE A 191 61.97 -12.74 -33.87
N ARG A 192 62.55 -13.91 -34.18
CA ARG A 192 61.77 -15.10 -34.49
C ARG A 192 60.84 -15.47 -33.35
N GLY A 193 61.40 -15.60 -32.14
CA GLY A 193 60.59 -15.91 -30.98
C GLY A 193 59.50 -14.88 -30.74
N THR A 194 59.80 -13.61 -31.00
CA THR A 194 58.82 -12.54 -30.81
C THR A 194 57.67 -12.69 -31.79
N PHE A 195 57.98 -12.92 -33.07
CA PHE A 195 56.91 -13.11 -34.05
C PHE A 195 56.05 -14.31 -33.69
N GLU A 196 56.67 -15.42 -33.27
CA GLU A 196 55.90 -16.60 -32.91
C GLU A 196 55.00 -16.32 -31.71
N HIS A 197 55.53 -15.60 -30.71
CA HIS A 197 54.73 -15.20 -29.56
C HIS A 197 53.54 -14.34 -30.00
N ALA A 198 53.81 -13.33 -30.84
CA ALA A 198 52.78 -12.43 -31.32
C ALA A 198 51.63 -13.19 -31.97
N VAL A 199 51.95 -14.07 -32.92
CA VAL A 199 50.88 -14.81 -33.58
C VAL A 199 50.18 -15.75 -32.59
N LEU A 200 50.95 -16.44 -31.74
CA LEU A 200 50.35 -17.38 -30.79
C LEU A 200 49.47 -16.69 -29.76
N ALA A 201 49.59 -15.37 -29.63
CA ALA A 201 48.75 -14.60 -28.73
C ALA A 201 47.59 -13.91 -29.42
N ALA A 202 47.79 -13.41 -30.64
CA ALA A 202 46.80 -12.57 -31.30
C ALA A 202 46.67 -12.80 -32.80
N GLY A 203 47.46 -13.71 -33.39
CA GLY A 203 47.38 -13.93 -34.82
C GLY A 203 45.99 -14.34 -35.27
N THR A 204 45.20 -14.93 -34.38
CA THR A 204 43.86 -15.42 -34.69
C THR A 204 42.87 -14.29 -34.92
N ASP A 205 43.22 -13.05 -34.59
CA ASP A 205 42.34 -11.90 -34.79
C ASP A 205 42.02 -11.76 -36.28
N PHE A 206 40.77 -11.39 -36.56
CA PHE A 206 40.32 -11.19 -37.95
C PHE A 206 41.01 -10.01 -38.62
N ARG A 207 41.75 -9.19 -37.87
CA ARG A 207 42.47 -8.03 -38.37
C ARG A 207 43.96 -8.12 -38.04
N SER A 208 44.49 -9.34 -38.06
CA SER A 208 45.89 -9.60 -37.75
C SER A 208 46.74 -9.76 -39.00
N ASP A 209 46.34 -9.12 -40.10
CA ASP A 209 46.97 -9.35 -41.40
C ASP A 209 48.37 -8.77 -41.46
N LYS A 210 48.51 -7.45 -41.28
CA LYS A 210 49.83 -6.82 -41.38
C LYS A 210 50.85 -7.54 -40.51
N LEU A 211 50.42 -8.21 -39.45
CA LEU A 211 51.35 -9.01 -38.65
C LEU A 211 51.88 -10.19 -39.46
N TRP A 212 50.98 -11.00 -40.03
CA TRP A 212 51.41 -12.14 -40.84
C TRP A 212 52.24 -11.69 -42.03
N GLU A 213 51.79 -10.64 -42.72
CA GLU A 213 52.53 -10.10 -43.86
C GLU A 213 53.91 -9.61 -43.45
N MET A 214 54.02 -9.00 -42.27
CA MET A 214 55.31 -8.57 -41.75
C MET A 214 56.22 -9.78 -41.53
N TYR A 215 55.69 -10.81 -40.88
CA TYR A 215 56.40 -12.07 -40.71
C TYR A 215 56.89 -12.62 -42.05
N ILE A 216 56.02 -12.61 -43.05
CA ILE A 216 56.34 -13.16 -44.36
C ILE A 216 57.49 -12.39 -45.00
N ASN A 217 57.32 -11.08 -45.14
CA ASN A 217 58.38 -10.26 -45.73
C ASN A 217 59.69 -10.40 -44.95
N TRP A 218 59.60 -10.53 -43.63
CA TRP A 218 60.78 -10.76 -42.81
C TRP A 218 61.51 -12.03 -43.24
N GLU A 219 60.84 -13.18 -43.11
CA GLU A 219 61.46 -14.45 -43.48
C GLU A 219 61.78 -14.54 -44.97
N ASN A 220 61.27 -13.61 -45.77
CA ASN A 220 61.60 -13.54 -47.18
C ASN A 220 62.95 -12.85 -47.40
N GLU A 221 63.13 -11.67 -46.81
CA GLU A 221 64.43 -11.01 -46.92
C GLU A 221 65.56 -11.90 -46.40
N GLN A 222 65.31 -12.63 -45.31
CA GLN A 222 66.28 -13.62 -44.84
C GLN A 222 66.46 -14.77 -45.83
N GLY A 223 65.54 -14.93 -46.77
CA GLY A 223 65.65 -15.93 -47.82
C GLY A 223 65.22 -17.34 -47.45
N ASN A 224 64.89 -17.58 -46.18
CA ASN A 224 64.58 -18.94 -45.70
C ASN A 224 63.13 -19.28 -46.03
N LEU A 225 62.89 -19.46 -47.33
CA LEU A 225 61.54 -19.60 -47.86
C LEU A 225 60.80 -20.82 -47.35
N ARG A 226 61.51 -21.83 -46.82
CA ARG A 226 60.85 -22.94 -46.15
C ARG A 226 60.01 -22.44 -44.97
N GLU A 227 60.61 -21.56 -44.16
CA GLU A 227 59.90 -20.97 -43.03
C GLU A 227 58.73 -20.13 -43.52
N VAL A 228 58.93 -19.40 -44.61
CA VAL A 228 57.86 -18.63 -45.25
C VAL A 228 56.70 -19.55 -45.62
N THR A 229 57.01 -20.70 -46.21
CA THR A 229 55.97 -21.66 -46.58
C THR A 229 55.23 -22.16 -45.34
N ALA A 230 55.95 -22.42 -44.26
CA ALA A 230 55.29 -22.79 -43.01
C ALA A 230 54.33 -21.70 -42.55
N VAL A 231 54.78 -20.44 -42.63
CA VAL A 231 53.95 -19.30 -42.24
C VAL A 231 52.67 -19.27 -43.06
N TYR A 232 52.80 -19.36 -44.38
CA TYR A 232 51.63 -19.36 -45.25
C TYR A 232 50.68 -20.50 -44.89
N ASP A 233 51.23 -21.68 -44.60
CA ASP A 233 50.43 -22.82 -44.18
C ASP A 233 49.62 -22.47 -42.94
N ARG A 234 50.27 -21.86 -41.95
CA ARG A 234 49.56 -21.48 -40.72
C ARG A 234 48.44 -20.48 -41.02
N ILE A 235 48.76 -19.39 -41.72
CA ILE A 235 47.80 -18.30 -41.83
C ILE A 235 46.59 -18.72 -42.68
N LEU A 236 46.82 -19.43 -43.79
CA LEU A 236 45.69 -19.80 -44.62
C LEU A 236 44.74 -20.79 -43.94
N GLY A 237 45.11 -21.33 -42.78
CA GLY A 237 44.19 -22.11 -41.98
C GLY A 237 43.46 -21.22 -40.99
N ILE A 238 43.48 -19.92 -41.26
CA ILE A 238 42.91 -18.91 -40.38
C ILE A 238 42.19 -17.87 -41.24
N PRO A 239 41.02 -17.38 -40.83
CA PRO A 239 40.36 -16.33 -41.59
C PRO A 239 40.91 -14.96 -41.26
N THR A 240 40.81 -14.05 -42.23
CA THR A 240 41.21 -12.67 -42.03
C THR A 240 40.31 -11.77 -42.86
N GLN A 241 40.50 -10.47 -42.69
CA GLN A 241 39.82 -9.50 -43.55
C GLN A 241 40.34 -9.57 -44.98
N LEU A 242 41.62 -9.92 -45.15
CA LEU A 242 42.31 -9.86 -46.44
C LEU A 242 42.87 -11.23 -46.83
N TYR A 243 42.13 -12.30 -46.57
CA TYR A 243 42.52 -13.65 -46.97
C TYR A 243 42.94 -13.72 -48.44
N SER A 244 42.21 -13.03 -49.32
CA SER A 244 42.53 -13.04 -50.74
C SER A 244 43.92 -12.48 -50.99
N HIS A 245 44.31 -11.44 -50.24
CA HIS A 245 45.64 -10.86 -50.38
C HIS A 245 46.71 -11.90 -50.06
N HIS A 246 46.56 -12.62 -48.95
CA HIS A 246 47.48 -13.69 -48.63
C HIS A 246 47.54 -14.74 -49.73
N PHE A 247 46.39 -15.16 -50.27
CA PHE A 247 46.43 -16.20 -51.28
C PHE A 247 47.15 -15.76 -52.55
N GLN A 248 46.83 -14.57 -53.05
CA GLN A 248 47.54 -14.10 -54.25
C GLN A 248 49.02 -13.93 -53.99
N ARG A 249 49.39 -13.53 -52.77
CA ARG A 249 50.81 -13.46 -52.44
C ARG A 249 51.44 -14.84 -52.48
N PHE A 250 50.74 -15.85 -51.96
CA PHE A 250 51.25 -17.22 -52.00
C PHE A 250 51.42 -17.71 -53.43
N LYS A 251 50.46 -17.38 -54.29
CA LYS A 251 50.54 -17.79 -55.69
C LYS A 251 51.77 -17.16 -56.37
N GLU A 252 51.94 -15.85 -56.21
CA GLU A 252 53.13 -15.19 -56.75
C GLU A 252 54.41 -15.77 -56.16
N HIS A 253 54.39 -16.07 -54.85
CA HIS A 253 55.56 -16.64 -54.19
C HIS A 253 55.95 -17.98 -54.80
N VAL A 254 54.96 -18.83 -55.07
CA VAL A 254 55.25 -20.10 -55.75
C VAL A 254 55.81 -19.83 -57.14
N GLN A 255 55.14 -18.96 -57.90
CA GLN A 255 55.51 -18.75 -59.30
C GLN A 255 56.93 -18.23 -59.45
N ASN A 256 57.35 -17.28 -58.61
CA ASN A 256 58.61 -16.58 -58.83
C ASN A 256 59.78 -17.17 -58.04
N ASN A 257 59.64 -18.38 -57.50
CA ASN A 257 60.72 -19.03 -56.75
C ASN A 257 60.74 -20.52 -57.04
N LEU A 258 61.85 -21.16 -56.64
CA LEU A 258 62.21 -22.53 -56.99
C LEU A 258 61.62 -23.52 -56.00
N PRO A 259 60.88 -24.54 -56.46
CA PRO A 259 60.24 -25.46 -55.51
C PRO A 259 61.22 -26.32 -54.73
N ARG A 260 62.44 -26.54 -55.24
CA ARG A 260 63.46 -27.22 -54.46
C ARG A 260 63.71 -26.53 -53.13
N ASP A 261 63.66 -25.20 -53.14
CA ASP A 261 63.92 -24.40 -51.95
C ASP A 261 62.75 -24.45 -50.97
N LEU A 262 61.52 -24.49 -51.47
CA LEU A 262 60.35 -24.21 -50.62
C LEU A 262 60.18 -25.25 -49.52
N LEU A 263 60.20 -26.52 -49.86
CA LEU A 263 59.85 -27.51 -48.85
C LEU A 263 61.08 -28.04 -48.13
N THR A 264 60.81 -28.82 -47.09
CA THR A 264 61.81 -29.72 -46.52
C THR A 264 61.83 -30.97 -47.39
N GLY A 265 62.99 -31.29 -47.98
CA GLY A 265 63.16 -32.43 -48.85
C GLY A 265 62.10 -33.51 -48.74
N GLU A 266 61.82 -33.91 -47.49
CA GLU A 266 60.77 -34.87 -47.20
C GLU A 266 59.45 -34.41 -47.80
N GLN A 267 59.00 -33.21 -47.42
CA GLN A 267 57.79 -32.64 -47.98
C GLN A 267 57.85 -32.65 -49.50
N PHE A 268 59.05 -32.41 -50.04
CA PHE A 268 59.27 -32.49 -51.48
C PHE A 268 59.12 -33.94 -51.97
N ILE A 269 59.88 -34.86 -51.38
CA ILE A 269 60.00 -36.19 -51.97
C ILE A 269 58.64 -36.87 -52.07
N GLN A 270 57.86 -36.81 -50.97
CA GLN A 270 56.52 -37.38 -51.00
C GLN A 270 55.73 -36.85 -52.18
N LEU A 271 55.74 -35.52 -52.37
CA LEU A 271 55.08 -34.93 -53.53
C LEU A 271 55.55 -35.60 -54.82
N ARG A 272 56.87 -35.70 -55.00
CA ARG A 272 57.41 -36.36 -56.18
C ARG A 272 56.82 -37.76 -56.31
N ARG A 273 56.85 -38.54 -55.23
CA ARG A 273 56.33 -39.91 -55.30
C ARG A 273 54.90 -39.92 -55.78
N GLU A 274 54.08 -38.97 -55.30
CA GLU A 274 52.69 -38.91 -55.72
C GLU A 274 52.59 -38.81 -57.23
N LEU A 275 53.44 -37.96 -57.82
CA LEU A 275 53.49 -37.82 -59.28
C LEU A 275 53.57 -39.18 -59.95
N ALA A 276 54.49 -40.03 -59.47
CA ALA A 276 54.69 -41.34 -60.09
C ALA A 276 53.39 -42.14 -60.14
N SER A 277 52.60 -42.09 -59.06
CA SER A 277 51.38 -42.87 -59.00
C SER A 277 50.40 -42.49 -60.11
N VAL A 278 50.49 -41.26 -60.63
CA VAL A 278 49.66 -40.89 -61.77
C VAL A 278 50.12 -41.61 -63.02
N ASN A 279 51.44 -41.76 -63.19
CA ASN A 279 52.02 -42.33 -64.40
C ASN A 279 51.66 -43.80 -64.58
N THR A 300 67.19 -35.18 -65.07
CA THR A 300 68.26 -35.29 -66.05
C THR A 300 67.94 -34.50 -67.31
N ASP A 301 66.97 -34.99 -68.08
CA ASP A 301 66.49 -34.26 -69.25
C ASP A 301 65.98 -32.90 -68.77
N PRO A 302 66.58 -31.79 -69.22
CA PRO A 302 66.14 -30.47 -68.71
C PRO A 302 64.66 -30.23 -68.90
N ALA A 303 64.13 -30.47 -70.10
CA ALA A 303 62.70 -30.27 -70.34
C ALA A 303 61.87 -31.16 -69.42
N LYS A 304 62.32 -32.38 -69.16
CA LYS A 304 61.62 -33.26 -68.21
C LYS A 304 61.61 -32.65 -66.81
N LEU A 305 62.74 -32.09 -66.39
CA LEU A 305 62.81 -31.45 -65.07
C LEU A 305 61.86 -30.26 -64.99
N ILE A 306 61.85 -29.44 -66.05
CA ILE A 306 60.93 -28.30 -66.11
C ILE A 306 59.48 -28.78 -66.03
N THR A 307 59.15 -29.85 -66.75
CA THR A 307 57.81 -30.42 -66.69
C THR A 307 57.46 -30.82 -65.26
N GLU A 308 58.38 -31.51 -64.58
CA GLU A 308 58.10 -31.93 -63.21
C GLU A 308 57.94 -30.74 -62.28
N ILE A 309 58.76 -29.70 -62.46
CA ILE A 309 58.69 -28.54 -61.59
C ILE A 309 57.35 -27.81 -61.76
N GLU A 310 56.95 -27.58 -63.01
CA GLU A 310 55.67 -26.94 -63.27
C GLU A 310 54.52 -27.77 -62.71
N ASN A 311 54.59 -29.09 -62.86
CA ASN A 311 53.53 -29.94 -62.32
C ASN A 311 53.47 -29.89 -60.79
N MET A 312 54.63 -29.90 -60.13
CA MET A 312 54.67 -29.75 -58.68
C MET A 312 54.04 -28.44 -58.24
N ARG A 313 54.42 -27.34 -58.91
CA ARG A 313 53.83 -26.03 -58.60
C ARG A 313 52.31 -26.08 -58.73
N HIS A 314 51.81 -26.61 -59.84
CA HIS A 314 50.37 -26.60 -60.05
C HIS A 314 49.66 -27.47 -59.02
N ARG A 315 50.28 -28.58 -58.61
CA ARG A 315 49.65 -29.43 -57.60
C ARG A 315 49.60 -28.73 -56.24
N ILE A 316 50.69 -28.05 -55.86
CA ILE A 316 50.68 -27.31 -54.61
C ILE A 316 49.60 -26.23 -54.63
N ILE A 317 49.47 -25.54 -55.77
CA ILE A 317 48.38 -24.57 -55.93
C ILE A 317 47.02 -25.24 -55.77
N GLU A 318 46.84 -26.44 -56.32
CA GLU A 318 45.58 -27.17 -56.16
C GLU A 318 45.25 -27.38 -54.68
N ILE A 319 46.23 -27.91 -53.94
CA ILE A 319 46.07 -28.13 -52.50
C ILE A 319 45.61 -26.86 -51.81
N HIS A 320 46.42 -25.81 -51.94
CA HIS A 320 46.18 -24.59 -51.19
C HIS A 320 44.93 -23.87 -51.67
N GLN A 321 44.56 -24.03 -52.95
CA GLN A 321 43.30 -23.49 -53.44
C GLN A 321 42.11 -24.18 -52.77
N GLU A 322 42.18 -25.49 -52.58
CA GLU A 322 41.11 -26.18 -51.85
C GLU A 322 41.00 -25.66 -50.42
N MET A 323 42.13 -25.69 -49.69
CA MET A 323 42.12 -25.20 -48.31
C MET A 323 41.64 -23.75 -48.23
N PHE A 324 42.02 -22.94 -49.22
CA PHE A 324 41.60 -21.54 -49.27
C PHE A 324 40.11 -21.42 -49.51
N ASN A 325 39.55 -22.27 -50.37
CA ASN A 325 38.10 -22.28 -50.56
C ASN A 325 37.40 -22.56 -49.22
N TYR A 326 37.92 -23.53 -48.47
CA TYR A 326 37.34 -23.86 -47.17
C TYR A 326 37.38 -22.65 -46.22
N ASN A 327 38.56 -22.05 -46.10
CA ASN A 327 38.70 -20.87 -45.23
C ASN A 327 37.83 -19.72 -45.72
N GLU A 328 37.65 -19.56 -47.03
CA GLU A 328 36.80 -18.50 -47.55
C GLU A 328 35.35 -18.72 -47.15
N HIS A 329 34.90 -19.97 -47.14
CA HIS A 329 33.56 -20.25 -46.62
C HIS A 329 33.45 -19.85 -45.15
N GLU A 330 34.41 -20.31 -44.35
CA GLU A 330 34.42 -19.95 -42.92
C GLU A 330 34.50 -18.43 -42.73
N VAL A 331 35.09 -17.71 -43.70
CA VAL A 331 35.10 -16.25 -43.63
C VAL A 331 33.71 -15.69 -43.91
N SER A 332 33.13 -16.07 -45.05
CA SER A 332 31.84 -15.54 -45.46
C SER A 332 30.77 -15.77 -44.41
N LYS A 333 30.91 -16.82 -43.60
CA LYS A 333 29.98 -16.98 -42.48
C LYS A 333 30.03 -15.79 -41.51
N ARG A 334 31.23 -15.27 -41.23
CA ARG A 334 31.47 -14.29 -40.18
C ARG A 334 31.69 -12.89 -40.71
N TRP A 335 31.60 -12.69 -42.03
CA TRP A 335 31.90 -11.38 -42.62
C TRP A 335 30.97 -10.31 -42.08
N THR A 336 29.65 -10.55 -42.14
CA THR A 336 28.68 -9.55 -41.72
C THR A 336 28.88 -9.17 -40.26
N PHE A 337 29.02 -10.17 -39.39
CA PHE A 337 29.31 -9.93 -37.99
C PHE A 337 30.54 -9.07 -37.82
N GLU A 338 31.71 -9.55 -38.29
CA GLU A 338 32.95 -8.85 -37.99
C GLU A 338 32.95 -7.44 -38.55
N GLU A 339 32.43 -7.25 -39.76
CA GLU A 339 32.31 -5.90 -40.29
C GLU A 339 31.32 -5.07 -39.49
N GLY A 340 30.37 -5.72 -38.82
CA GLY A 340 29.45 -5.00 -37.96
C GLY A 340 30.15 -4.20 -36.90
N ILE A 341 31.26 -4.73 -36.37
CA ILE A 341 32.08 -3.96 -35.46
C ILE A 341 32.58 -2.72 -36.17
N LYS A 342 32.50 -1.58 -35.50
CA LYS A 342 33.06 -0.34 -35.99
C LYS A 342 34.18 0.17 -35.10
N ARG A 343 34.46 -0.51 -33.99
CA ARG A 343 35.45 -0.07 -33.01
C ARG A 343 36.05 -1.29 -32.33
N PRO A 344 36.98 -1.98 -33.00
CA PRO A 344 37.64 -3.15 -32.39
C PRO A 344 38.61 -2.80 -31.29
N TYR A 345 38.80 -1.53 -30.98
CA TYR A 345 39.71 -1.07 -29.95
C TYR A 345 38.92 -0.45 -28.80
N PHE A 346 39.44 -0.60 -27.59
CA PHE A 346 38.78 -0.02 -26.42
C PHE A 346 38.80 1.50 -26.50
N HIS A 347 37.72 2.12 -26.03
CA HIS A 347 37.60 3.56 -25.93
C HIS A 347 36.48 3.87 -24.96
N VAL A 348 36.64 4.96 -24.21
CA VAL A 348 35.72 5.28 -23.13
C VAL A 348 34.32 5.54 -23.67
N LYS A 349 34.21 6.14 -24.85
CA LYS A 349 32.92 6.52 -25.39
C LYS A 349 32.00 5.30 -25.41
N PRO A 350 30.74 5.43 -25.02
CA PRO A 350 29.87 4.25 -24.93
C PRO A 350 29.36 3.83 -26.30
N LEU A 351 29.07 2.53 -26.41
CA LEU A 351 28.68 1.95 -27.69
C LEU A 351 27.18 2.03 -27.89
N GLU A 352 26.78 2.11 -29.15
CA GLU A 352 25.37 2.01 -29.51
C GLU A 352 24.91 0.58 -29.25
N LYS A 353 23.64 0.44 -28.83
CA LYS A 353 23.12 -0.88 -28.50
C LYS A 353 23.16 -1.83 -29.69
N ALA A 354 23.08 -1.29 -30.91
CA ALA A 354 23.15 -2.12 -32.10
C ALA A 354 24.44 -2.95 -32.12
N GLN A 355 25.58 -2.30 -31.92
CA GLN A 355 26.84 -3.02 -31.90
C GLN A 355 26.93 -3.97 -30.70
N LEU A 356 26.24 -3.65 -29.61
CA LEU A 356 26.15 -4.56 -28.48
C LEU A 356 25.46 -5.86 -28.89
N LYS A 357 24.33 -5.75 -29.59
CA LYS A 357 23.69 -6.93 -30.16
C LYS A 357 24.64 -7.66 -31.11
N ASN A 358 25.39 -6.90 -31.91
CA ASN A 358 26.33 -7.50 -32.85
C ASN A 358 27.30 -8.41 -32.12
N TRP A 359 28.01 -7.85 -31.14
CA TRP A 359 28.93 -8.65 -30.34
C TRP A 359 28.22 -9.85 -29.72
N LYS A 360 27.00 -9.65 -29.20
CA LYS A 360 26.30 -10.74 -28.54
C LYS A 360 26.07 -11.92 -29.49
N GLU A 361 25.40 -11.66 -30.61
CA GLU A 361 25.06 -12.78 -31.50
C GLU A 361 26.30 -13.36 -32.17
N TYR A 362 27.31 -12.53 -32.47
CA TYR A 362 28.56 -13.07 -33.02
C TYR A 362 29.22 -14.02 -32.02
N LEU A 363 29.26 -13.61 -30.75
CA LEU A 363 29.71 -14.49 -29.67
C LEU A 363 28.92 -15.79 -29.67
N GLU A 364 27.58 -15.68 -29.71
CA GLU A 364 26.73 -16.87 -29.69
C GLU A 364 27.05 -17.79 -30.86
N PHE A 365 27.28 -17.20 -32.04
CA PHE A 365 27.64 -17.96 -33.24
C PHE A 365 28.89 -18.79 -32.98
N GLU A 366 29.97 -18.11 -32.59
CA GLU A 366 31.21 -18.86 -32.34
C GLU A 366 31.03 -19.90 -31.25
N ILE A 367 30.22 -19.58 -30.23
CA ILE A 367 29.93 -20.56 -29.18
C ILE A 367 29.33 -21.81 -29.80
N GLU A 368 28.47 -21.65 -30.80
CA GLU A 368 27.82 -22.81 -31.40
C GLU A 368 28.74 -23.57 -32.34
N ASN A 369 29.56 -22.87 -33.13
CA ASN A 369 30.34 -23.51 -34.19
C ASN A 369 31.84 -23.54 -33.90
N GLY A 370 32.46 -22.39 -33.63
CA GLY A 370 33.90 -22.33 -33.50
C GLY A 370 34.42 -23.19 -32.35
N THR A 371 35.74 -23.34 -32.32
CA THR A 371 36.36 -24.11 -31.26
C THR A 371 36.29 -23.33 -29.94
N HIS A 372 36.35 -24.07 -28.83
CA HIS A 372 36.42 -23.44 -27.52
C HIS A 372 37.54 -22.40 -27.46
N GLU A 373 38.71 -22.75 -27.96
CA GLU A 373 39.82 -21.80 -28.06
C GLU A 373 39.47 -20.66 -29.00
N ARG A 374 38.93 -21.00 -30.17
CA ARG A 374 38.49 -20.01 -31.13
C ARG A 374 37.50 -19.04 -30.49
N VAL A 375 36.60 -19.57 -29.66
CA VAL A 375 35.68 -18.73 -28.91
C VAL A 375 36.45 -17.81 -27.97
N VAL A 376 37.22 -18.40 -27.05
CA VAL A 376 37.93 -17.64 -26.01
C VAL A 376 38.68 -16.46 -26.61
N VAL A 377 39.30 -16.65 -27.78
CA VAL A 377 39.98 -15.53 -28.44
C VAL A 377 38.99 -14.39 -28.68
N LEU A 378 37.88 -14.70 -29.37
CA LEU A 378 36.88 -13.69 -29.69
C LEU A 378 36.24 -13.10 -28.43
N PHE A 379 36.10 -13.91 -27.39
CA PHE A 379 35.47 -13.45 -26.16
C PHE A 379 36.37 -12.44 -25.47
N GLU A 380 37.67 -12.74 -25.39
CA GLU A 380 38.64 -11.78 -24.88
C GLU A 380 38.63 -10.51 -25.71
N ARG A 381 38.43 -10.64 -27.03
CA ARG A 381 38.26 -9.46 -27.87
C ARG A 381 37.06 -8.63 -27.44
N CYS A 382 35.89 -9.26 -27.33
CA CYS A 382 34.68 -8.56 -26.92
C CYS A 382 34.82 -7.96 -25.52
N VAL A 383 35.72 -8.52 -24.72
CA VAL A 383 36.06 -7.88 -23.46
C VAL A 383 36.96 -6.67 -23.70
N ILE A 384 37.84 -6.70 -24.71
CA ILE A 384 38.82 -5.63 -24.88
C ILE A 384 38.12 -4.33 -25.26
N SER A 385 37.45 -4.30 -26.41
CA SER A 385 36.47 -3.25 -26.61
C SER A 385 35.31 -3.51 -25.67
N CYS A 386 34.51 -2.47 -25.43
CA CYS A 386 33.35 -2.54 -24.53
C CYS A 386 33.65 -3.33 -23.26
N ALA A 387 34.79 -3.00 -22.65
CA ALA A 387 35.15 -3.56 -21.35
C ALA A 387 34.31 -2.97 -20.25
N LEU A 388 33.74 -1.78 -20.50
CA LEU A 388 32.99 -1.07 -19.49
C LEU A 388 31.70 -1.80 -19.13
N TYR A 389 31.17 -2.59 -20.06
CA TYR A 389 29.85 -3.19 -19.91
C TYR A 389 29.97 -4.53 -19.19
N GLU A 390 29.46 -4.59 -17.95
CA GLU A 390 29.60 -5.80 -17.13
C GLU A 390 28.96 -7.01 -17.80
N GLU A 391 27.92 -6.78 -18.61
CA GLU A 391 27.15 -7.84 -19.23
C GLU A 391 28.03 -8.84 -19.95
N PHE A 392 29.00 -8.33 -20.72
CA PHE A 392 29.81 -9.18 -21.56
C PHE A 392 30.76 -10.03 -20.72
N TRP A 393 31.45 -9.40 -19.75
CA TRP A 393 32.27 -10.16 -18.81
C TRP A 393 31.44 -11.24 -18.12
N ILE A 394 30.18 -10.93 -17.81
CA ILE A 394 29.31 -11.88 -17.12
C ILE A 394 29.05 -13.09 -18.00
N LYS A 395 28.63 -12.84 -19.25
CA LYS A 395 28.42 -13.96 -20.18
C LYS A 395 29.71 -14.74 -20.40
N TYR A 396 30.86 -14.05 -20.36
CA TYR A 396 32.16 -14.70 -20.43
C TYR A 396 32.36 -15.67 -19.28
N ALA A 397 32.12 -15.21 -18.05
CA ALA A 397 32.24 -16.10 -16.89
C ALA A 397 31.27 -17.27 -17.02
N LYS A 398 30.07 -17.00 -17.54
CA LYS A 398 29.08 -18.05 -17.73
C LYS A 398 29.55 -19.10 -18.72
N TYR A 399 30.17 -18.66 -19.82
CA TYR A 399 30.69 -19.61 -20.80
C TYR A 399 31.83 -20.43 -20.20
N MET A 400 32.77 -19.75 -19.52
CA MET A 400 33.89 -20.44 -18.89
C MET A 400 33.44 -21.41 -17.80
N GLU A 401 32.24 -21.20 -17.24
CA GLU A 401 31.63 -22.21 -16.37
C GLU A 401 31.56 -23.56 -17.09
N ASN A 402 31.00 -23.56 -18.30
CA ASN A 402 30.79 -24.79 -19.05
C ASN A 402 32.09 -25.54 -19.31
N HIS A 403 33.20 -24.82 -19.47
CA HIS A 403 34.48 -25.41 -19.76
C HIS A 403 35.29 -25.74 -18.50
N SER A 404 34.69 -25.61 -17.32
CA SER A 404 35.22 -26.14 -16.06
C SER A 404 36.67 -25.70 -15.83
N ILE A 405 36.89 -24.40 -15.83
CA ILE A 405 38.20 -23.82 -15.57
C ILE A 405 38.03 -22.65 -14.64
N GLU A 406 38.96 -22.48 -13.70
CA GLU A 406 39.01 -21.36 -12.75
C GLU A 406 39.35 -20.06 -13.41
N GLY A 407 39.44 -20.10 -14.75
CA GLY A 407 39.57 -18.87 -15.50
C GLY A 407 38.45 -17.90 -15.20
N VAL A 408 37.25 -18.43 -14.90
CA VAL A 408 36.16 -17.59 -14.40
C VAL A 408 36.67 -16.67 -13.31
N ARG A 409 37.33 -17.25 -12.31
CA ARG A 409 37.99 -16.48 -11.27
C ARG A 409 38.80 -15.35 -11.88
N HIS A 410 39.78 -15.71 -12.72
CA HIS A 410 40.59 -14.72 -13.41
C HIS A 410 39.72 -13.60 -13.99
N VAL A 411 38.70 -13.97 -14.78
CA VAL A 411 37.90 -12.93 -15.44
C VAL A 411 37.29 -12.01 -14.39
N PHE A 412 36.67 -12.59 -13.35
CA PHE A 412 36.02 -11.76 -12.35
C PHE A 412 37.01 -10.76 -11.75
N SER A 413 38.22 -11.22 -11.44
CA SER A 413 39.21 -10.28 -10.93
C SER A 413 39.42 -9.16 -11.94
N ARG A 414 39.81 -9.54 -13.17
CA ARG A 414 40.02 -8.55 -14.21
C ARG A 414 38.78 -7.68 -14.38
N ALA A 415 37.60 -8.26 -14.17
CA ALA A 415 36.37 -7.46 -14.20
C ALA A 415 36.33 -6.50 -13.03
N CYS A 416 36.36 -7.03 -11.81
CA CYS A 416 36.11 -6.23 -10.61
C CYS A 416 37.35 -5.48 -10.16
N THR A 417 38.50 -6.17 -10.09
CA THR A 417 39.73 -5.56 -9.60
C THR A 417 40.15 -4.36 -10.45
N VAL A 418 39.71 -4.29 -11.70
CA VAL A 418 40.35 -3.43 -12.68
C VAL A 418 39.37 -2.48 -13.34
N HIS A 419 38.50 -3.01 -14.20
CA HIS A 419 37.79 -2.18 -15.17
C HIS A 419 36.58 -1.48 -14.56
N LEU A 420 35.69 -2.23 -13.93
CA LEU A 420 34.45 -1.70 -13.35
C LEU A 420 34.36 -2.05 -11.88
N PRO A 421 35.17 -1.40 -11.04
CA PRO A 421 35.14 -1.72 -9.60
C PRO A 421 33.86 -1.28 -8.91
N LYS A 422 33.23 -0.21 -9.39
CA LYS A 422 32.02 0.33 -8.77
C LYS A 422 30.76 -0.39 -9.21
N LYS A 423 30.62 -0.68 -10.51
CA LYS A 423 29.45 -1.38 -11.03
C LYS A 423 29.22 -2.66 -10.23
N PRO A 424 28.09 -2.79 -9.52
CA PRO A 424 27.98 -3.78 -8.44
C PRO A 424 27.69 -5.22 -8.83
N MET A 425 26.78 -5.45 -9.79
CA MET A 425 26.39 -6.81 -10.16
C MET A 425 27.59 -7.70 -10.41
N ALA A 426 28.68 -7.13 -10.92
CA ALA A 426 29.91 -7.91 -11.12
C ALA A 426 30.40 -8.51 -9.82
N HIS A 427 30.65 -7.66 -8.81
CA HIS A 427 31.14 -8.16 -7.53
C HIS A 427 30.13 -9.09 -6.89
N MET A 428 28.84 -8.80 -7.03
CA MET A 428 27.81 -9.68 -6.49
C MET A 428 27.95 -11.09 -7.06
N LEU A 429 27.94 -11.19 -8.39
CA LEU A 429 28.06 -12.49 -9.05
C LEU A 429 29.37 -13.17 -8.71
N TRP A 430 30.46 -12.39 -8.62
CA TRP A 430 31.76 -13.00 -8.33
C TRP A 430 31.77 -13.62 -6.94
N ALA A 431 31.35 -12.86 -5.92
CA ALA A 431 31.24 -13.43 -4.58
C ALA A 431 30.32 -14.64 -4.58
N ALA A 432 29.23 -14.58 -5.35
CA ALA A 432 28.33 -15.72 -5.46
C ALA A 432 29.05 -16.96 -5.99
N PHE A 433 29.83 -16.78 -7.06
CA PHE A 433 30.59 -17.90 -7.64
C PHE A 433 31.62 -18.43 -6.66
N GLU A 434 32.35 -17.53 -6.00
CA GLU A 434 33.34 -17.92 -5.01
C GLU A 434 32.70 -18.82 -3.96
N GLU A 435 31.57 -18.37 -3.40
CA GLU A 435 30.80 -19.20 -2.48
C GLU A 435 30.43 -20.52 -3.13
N GLN A 436 30.00 -20.48 -4.38
CA GLN A 436 29.51 -21.67 -5.08
C GLN A 436 30.58 -22.75 -5.15
N GLN A 437 31.84 -22.34 -5.23
CA GLN A 437 32.92 -23.33 -5.27
C GLN A 437 33.22 -23.91 -3.90
N GLY A 438 33.33 -23.05 -2.89
CA GLY A 438 33.68 -23.49 -1.56
C GLY A 438 34.68 -22.56 -0.90
N ASN A 439 35.52 -21.93 -1.71
CA ASN A 439 36.36 -20.86 -1.20
C ASN A 439 35.45 -19.69 -0.82
N ILE A 440 35.47 -19.32 0.45
CA ILE A 440 34.36 -18.55 1.03
C ILE A 440 34.81 -17.18 1.50
N ASN A 441 35.71 -17.15 2.49
CA ASN A 441 36.14 -15.89 3.10
C ASN A 441 36.60 -14.89 2.04
N GLU A 442 37.09 -15.39 0.90
CA GLU A 442 37.43 -14.51 -0.22
C GLU A 442 36.22 -13.69 -0.67
N ALA A 443 35.04 -14.30 -0.72
CA ALA A 443 33.82 -13.58 -1.10
C ALA A 443 33.46 -12.51 -0.07
N ARG A 444 33.56 -12.84 1.21
CA ARG A 444 33.43 -11.85 2.27
C ARG A 444 34.35 -10.66 2.02
N ILE A 445 35.59 -10.93 1.61
CA ILE A 445 36.55 -9.84 1.39
C ILE A 445 36.17 -9.06 0.14
N ILE A 446 35.64 -9.73 -0.89
CA ILE A 446 35.08 -9.03 -2.04
C ILE A 446 34.07 -7.99 -1.57
N LEU A 447 33.15 -8.41 -0.70
CA LEU A 447 32.09 -7.51 -0.24
C LEU A 447 32.68 -6.36 0.59
N ARG A 448 33.59 -6.68 1.51
CA ARG A 448 34.22 -5.65 2.32
C ARG A 448 34.93 -4.61 1.46
N THR A 449 35.68 -5.09 0.45
CA THR A 449 36.39 -4.18 -0.46
C THR A 449 35.41 -3.28 -1.19
N PHE A 450 34.33 -3.86 -1.74
CA PHE A 450 33.35 -3.04 -2.44
C PHE A 450 32.83 -1.93 -1.52
N GLU A 451 32.31 -2.31 -0.35
CA GLU A 451 31.74 -1.30 0.56
C GLU A 451 32.78 -0.25 0.93
N GLU A 452 34.02 -0.67 1.18
CA GLU A 452 35.12 0.26 1.37
C GLU A 452 35.25 1.24 0.20
N CYS A 453 34.90 0.79 -1.01
CA CYS A 453 35.08 1.65 -2.18
C CYS A 453 33.92 2.62 -2.36
N VAL A 454 32.68 2.14 -2.24
CA VAL A 454 31.53 2.93 -2.68
C VAL A 454 30.55 3.18 -1.52
N LEU A 455 31.09 3.22 -0.30
CA LEU A 455 30.44 3.91 0.83
C LEU A 455 29.09 3.32 1.21
N GLY A 456 28.93 2.01 1.03
CA GLY A 456 27.77 1.29 1.55
C GLY A 456 26.49 1.44 0.74
N LEU A 457 25.79 0.33 0.53
CA LEU A 457 24.55 0.31 -0.22
C LEU A 457 23.69 -0.83 0.29
N ALA A 458 22.44 -0.87 -0.19
CA ALA A 458 21.49 -1.90 0.21
C ALA A 458 22.02 -3.29 -0.09
N MET A 459 22.07 -3.63 -1.39
CA MET A 459 22.49 -4.96 -1.82
C MET A 459 23.75 -5.43 -1.11
N VAL A 460 24.66 -4.51 -0.79
CA VAL A 460 25.96 -4.85 -0.20
C VAL A 460 25.73 -5.46 1.18
N ARG A 461 25.21 -4.66 2.11
CA ARG A 461 24.96 -5.16 3.46
C ARG A 461 24.00 -6.34 3.46
N LEU A 462 23.00 -6.32 2.57
CA LEU A 462 22.06 -7.43 2.50
C LEU A 462 22.78 -8.74 2.17
N ARG A 463 23.61 -8.74 1.12
CA ARG A 463 24.31 -9.95 0.70
C ARG A 463 25.36 -10.37 1.73
N ARG A 464 26.07 -9.40 2.29
CA ARG A 464 27.08 -9.68 3.30
C ARG A 464 26.46 -10.36 4.52
N VAL A 465 25.37 -9.78 5.04
CA VAL A 465 24.67 -10.37 6.18
C VAL A 465 24.13 -11.75 5.82
N SER A 466 23.55 -11.89 4.61
CA SER A 466 22.97 -13.17 4.22
C SER A 466 24.04 -14.27 4.17
N LEU A 467 25.24 -13.93 3.70
CA LEU A 467 26.33 -14.91 3.67
C LEU A 467 26.74 -15.32 5.07
N GLU A 468 27.07 -14.32 5.91
CA GLU A 468 27.45 -14.62 7.28
C GLU A 468 26.35 -15.41 8.00
N ARG A 469 25.10 -15.19 7.61
CA ARG A 469 23.97 -15.96 8.10
C ARG A 469 24.09 -17.42 7.67
N ARG A 470 24.07 -17.67 6.37
CA ARG A 470 24.01 -19.02 5.85
C ARG A 470 25.17 -19.87 6.34
N HIS A 471 26.30 -19.26 6.64
CA HIS A 471 27.44 -20.04 7.11
C HIS A 471 27.65 -19.97 8.62
N GLY A 472 26.75 -19.31 9.35
CA GLY A 472 26.57 -19.56 10.76
C GLY A 472 27.34 -18.68 11.72
N ASN A 473 28.11 -17.71 11.24
CA ASN A 473 28.77 -16.76 12.13
C ASN A 473 27.79 -15.63 12.44
N MET A 474 26.72 -16.00 13.16
CA MET A 474 25.59 -15.10 13.40
C MET A 474 26.01 -13.84 14.15
N GLU A 475 27.06 -13.93 14.97
CA GLU A 475 27.54 -12.76 15.69
C GLU A 475 27.93 -11.65 14.70
N GLU A 476 28.74 -12.01 13.70
CA GLU A 476 29.12 -11.05 12.66
C GLU A 476 27.90 -10.57 11.89
N ALA A 477 26.93 -11.46 11.66
CA ALA A 477 25.71 -11.07 10.96
C ALA A 477 24.96 -9.98 11.72
N GLU A 478 24.83 -10.13 13.05
CA GLU A 478 24.28 -9.03 13.85
C GLU A 478 25.13 -7.77 13.73
N HIS A 479 26.45 -7.93 13.89
CA HIS A 479 27.33 -6.76 13.98
C HIS A 479 27.31 -5.94 12.69
N LEU A 480 27.11 -6.59 11.54
CA LEU A 480 26.98 -5.84 10.30
C LEU A 480 25.85 -4.83 10.39
N LEU A 481 24.67 -5.29 10.81
CA LEU A 481 23.51 -4.39 10.93
C LEU A 481 23.70 -3.39 12.06
N GLN A 482 24.39 -3.79 13.12
CA GLN A 482 24.74 -2.86 14.18
C GLN A 482 25.55 -1.69 13.64
N ASP A 483 26.66 -1.98 12.96
CA ASP A 483 27.45 -0.92 12.33
C ASP A 483 26.63 -0.14 11.31
N ALA A 484 25.70 -0.82 10.63
CA ALA A 484 24.85 -0.15 9.66
C ALA A 484 24.03 0.94 10.34
N ILE A 485 23.41 0.61 11.48
CA ILE A 485 22.69 1.62 12.24
C ILE A 485 23.65 2.70 12.75
N LYS A 486 24.85 2.29 13.16
CA LYS A 486 25.85 3.24 13.66
C LYS A 486 26.11 4.33 12.63
N ASN A 487 26.35 3.92 11.39
CA ASN A 487 26.86 4.81 10.36
C ASN A 487 25.80 5.31 9.39
N ALA A 488 24.57 4.79 9.47
CA ALA A 488 23.52 5.21 8.56
C ALA A 488 23.36 6.72 8.61
N LYS A 489 23.13 7.31 7.44
CA LYS A 489 23.06 8.77 7.34
C LYS A 489 21.63 9.29 7.47
N SER A 490 20.70 8.68 6.76
CA SER A 490 19.31 9.13 6.76
C SER A 490 18.53 8.39 7.85
N ASN A 491 17.67 9.12 8.56
CA ASN A 491 16.83 8.49 9.57
C ASN A 491 16.08 7.30 9.01
N ASN A 492 15.53 7.44 7.79
CA ASN A 492 14.82 6.35 7.15
C ASN A 492 15.75 5.18 6.84
N GLU A 493 17.02 5.48 6.52
CA GLU A 493 18.00 4.42 6.26
C GLU A 493 18.26 3.59 7.51
N SER A 494 18.55 4.25 8.63
CA SER A 494 18.75 3.54 9.88
C SER A 494 17.50 2.76 10.28
N SER A 495 16.31 3.35 10.04
CA SER A 495 15.07 2.63 10.31
C SER A 495 14.97 1.36 9.49
N PHE A 496 15.28 1.43 8.19
CA PHE A 496 15.21 0.26 7.33
C PHE A 496 16.17 -0.84 7.78
N TYR A 497 17.44 -0.47 7.98
CA TYR A 497 18.42 -1.45 8.46
C TYR A 497 17.98 -2.06 9.79
N ALA A 498 17.38 -1.25 10.68
CA ALA A 498 16.88 -1.76 11.95
C ALA A 498 15.73 -2.74 11.76
N ILE A 499 14.82 -2.45 10.82
CA ILE A 499 13.74 -3.38 10.50
C ILE A 499 14.32 -4.72 10.05
N LYS A 500 15.32 -4.68 9.17
CA LYS A 500 15.93 -5.92 8.71
C LYS A 500 16.57 -6.67 9.87
N LEU A 501 17.22 -5.94 10.78
CA LEU A 501 17.78 -6.56 11.99
C LEU A 501 16.69 -7.22 12.81
N ALA A 502 15.57 -6.53 13.02
CA ALA A 502 14.49 -7.09 13.83
C ALA A 502 13.95 -8.37 13.21
N ARG A 503 13.67 -8.34 11.90
CA ARG A 503 13.20 -9.54 11.22
C ARG A 503 14.17 -10.69 11.40
N HIS A 504 15.45 -10.46 11.10
CA HIS A 504 16.46 -11.51 11.27
C HIS A 504 16.49 -12.01 12.71
N LEU A 505 16.55 -11.08 13.66
CA LEU A 505 16.76 -11.44 15.05
C LEU A 505 15.59 -12.27 15.56
N PHE A 506 14.36 -11.83 15.30
CA PHE A 506 13.20 -12.54 15.81
C PHE A 506 12.99 -13.87 15.09
N LYS A 507 12.88 -13.84 13.75
CA LYS A 507 12.51 -15.06 13.05
C LYS A 507 13.64 -16.09 13.01
N ILE A 508 14.89 -15.65 13.02
CA ILE A 508 16.03 -16.56 12.87
C ILE A 508 16.64 -16.91 14.22
N GLN A 509 17.02 -15.90 15.00
CA GLN A 509 17.69 -16.08 16.28
C GLN A 509 16.71 -16.11 17.45
N LYS A 510 15.41 -16.16 17.18
CA LYS A 510 14.34 -16.14 18.20
C LYS A 510 14.49 -14.84 18.98
N ASN A 511 14.49 -14.85 20.30
CA ASN A 511 14.65 -13.64 21.11
C ASN A 511 13.73 -12.51 20.60
N LEU A 512 12.44 -12.81 20.58
CA LEU A 512 11.43 -11.79 20.25
C LEU A 512 11.54 -10.52 21.10
N PRO A 513 11.80 -10.58 22.42
CA PRO A 513 11.96 -9.34 23.20
C PRO A 513 13.00 -8.38 22.65
N LYS A 514 14.17 -8.87 22.23
CA LYS A 514 15.17 -7.97 21.70
C LYS A 514 14.70 -7.31 20.41
N SER A 515 13.96 -8.04 19.57
CA SER A 515 13.39 -7.42 18.39
C SER A 515 12.42 -6.30 18.78
N ARG A 516 11.58 -6.54 19.79
CA ARG A 516 10.70 -5.48 20.30
C ARG A 516 11.51 -4.26 20.73
N LYS A 517 12.51 -4.47 21.60
CA LYS A 517 13.28 -3.33 22.11
C LYS A 517 14.00 -2.59 21.00
N VAL A 518 14.54 -3.33 20.03
CA VAL A 518 15.19 -2.71 18.88
C VAL A 518 14.20 -1.84 18.12
N LEU A 519 13.00 -2.37 17.89
CA LEU A 519 11.98 -1.59 17.19
C LEU A 519 11.67 -0.30 17.94
N LEU A 520 11.53 -0.38 19.27
CA LEU A 520 11.21 0.82 20.04
C LEU A 520 12.37 1.83 20.02
N GLU A 521 13.61 1.35 20.04
CA GLU A 521 14.77 2.21 19.80
C GLU A 521 14.60 2.97 18.48
N ALA A 522 14.29 2.22 17.41
CA ALA A 522 14.10 2.83 16.10
C ALA A 522 12.98 3.85 16.13
N ILE A 523 11.93 3.59 16.91
CA ILE A 523 10.82 4.55 17.03
C ILE A 523 11.30 5.82 17.70
N GLU A 524 11.83 5.71 18.93
CA GLU A 524 12.33 6.86 19.66
C GLU A 524 13.24 7.72 18.79
N LYS A 525 14.02 7.08 17.92
CA LYS A 525 14.83 7.85 16.97
C LYS A 525 13.96 8.51 15.91
N ASP A 526 13.06 7.76 15.28
CA ASP A 526 12.27 8.25 14.16
C ASP A 526 10.87 8.71 14.57
N LYS A 527 10.13 7.87 15.31
CA LYS A 527 8.76 8.13 15.75
C LYS A 527 7.72 8.15 14.64
N GLU A 528 8.09 8.67 13.46
CA GLU A 528 7.12 9.05 12.43
C GLU A 528 6.97 8.04 11.31
N ASN A 529 7.84 7.04 11.19
CA ASN A 529 7.81 6.18 10.02
C ASN A 529 6.80 5.05 10.20
N THR A 530 5.90 4.91 9.22
CA THR A 530 4.79 3.96 9.32
C THR A 530 5.29 2.52 9.26
N LYS A 531 6.27 2.25 8.39
CA LYS A 531 6.76 0.90 8.16
C LYS A 531 7.17 0.22 9.47
N LEU A 532 7.79 1.00 10.36
CA LEU A 532 8.19 0.49 11.67
C LEU A 532 7.01 -0.09 12.43
N TYR A 533 5.96 0.73 12.59
CA TYR A 533 4.77 0.30 13.32
C TYR A 533 4.12 -0.90 12.65
N LEU A 534 4.04 -0.88 11.31
CA LEU A 534 3.43 -1.99 10.59
C LEU A 534 4.18 -3.30 10.84
N ASN A 535 5.51 -3.26 10.77
CA ASN A 535 6.30 -4.47 10.99
C ASN A 535 6.19 -4.96 12.43
N LEU A 536 6.24 -4.04 13.40
CA LEU A 536 6.05 -4.43 14.80
C LEU A 536 4.68 -5.07 14.99
N LEU A 537 3.65 -4.50 14.36
CA LEU A 537 2.30 -5.04 14.49
C LEU A 537 2.20 -6.43 13.90
N GLU A 538 2.74 -6.63 12.69
CA GLU A 538 2.78 -7.96 12.09
C GLU A 538 3.49 -8.96 13.01
N MET A 539 4.60 -8.54 13.61
CA MET A 539 5.33 -9.39 14.55
C MET A 539 4.42 -9.82 15.70
N GLU A 540 3.88 -8.85 16.43
CA GLU A 540 3.09 -9.16 17.60
C GLU A 540 1.84 -9.95 17.23
N TYR A 541 1.23 -9.60 16.10
CA TYR A 541 0.08 -10.34 15.58
C TYR A 541 0.42 -11.80 15.34
N SER A 542 1.66 -12.08 14.91
CA SER A 542 2.04 -13.45 14.59
C SER A 542 1.93 -14.37 15.81
N CYS A 543 2.26 -13.86 17.00
CA CYS A 543 2.07 -14.65 18.21
C CYS A 543 0.59 -14.77 18.54
N ASP A 544 0.28 -15.55 19.58
CA ASP A 544 -1.11 -15.81 19.93
C ASP A 544 -1.81 -14.52 20.34
N LEU A 545 -3.13 -14.47 20.10
CA LEU A 545 -3.95 -13.31 20.44
C LEU A 545 -4.28 -13.39 21.93
N LYS A 546 -3.30 -13.00 22.75
CA LYS A 546 -3.42 -13.13 24.20
C LYS A 546 -2.36 -12.30 24.91
N GLN A 547 -1.12 -12.78 25.01
CA GLN A 547 -0.03 -11.92 25.48
C GLN A 547 0.09 -10.72 24.54
N ASN A 548 0.05 -10.98 23.24
CA ASN A 548 0.05 -9.86 22.33
C ASN A 548 -1.35 -9.28 22.12
N GLU A 549 -2.39 -9.83 22.73
CA GLU A 549 -3.61 -9.04 22.83
C GLU A 549 -3.30 -7.69 23.46
N GLU A 550 -2.77 -7.71 24.69
CA GLU A 550 -2.40 -6.47 25.36
C GLU A 550 -1.19 -5.81 24.69
N ASN A 551 -0.23 -6.60 24.19
CA ASN A 551 0.92 -5.98 23.53
C ASN A 551 0.49 -5.20 22.29
N ILE A 552 -0.36 -5.80 21.46
CA ILE A 552 -0.96 -5.15 20.30
C ILE A 552 -1.74 -3.92 20.74
N LEU A 553 -2.47 -4.01 21.86
CA LEU A 553 -3.17 -2.83 22.34
C LEU A 553 -2.20 -1.70 22.65
N ASN A 554 -1.05 -2.02 23.23
CA ASN A 554 -0.03 -1.00 23.47
C ASN A 554 0.47 -0.39 22.15
N CYS A 555 0.75 -1.25 21.17
CA CYS A 555 1.24 -0.78 19.87
C CYS A 555 0.23 0.13 19.19
N PHE A 556 -1.01 -0.35 19.05
CA PHE A 556 -2.09 0.44 18.47
C PHE A 556 -2.30 1.73 19.23
N ASP A 557 -2.28 1.67 20.57
CA ASP A 557 -2.47 2.86 21.38
C ASP A 557 -1.40 3.91 21.10
N LYS A 558 -0.13 3.48 21.01
CA LYS A 558 0.93 4.43 20.69
C LYS A 558 0.73 5.00 19.29
N ALA A 559 0.26 4.16 18.36
CA ALA A 559 -0.05 4.62 17.02
C ALA A 559 -1.10 5.73 17.05
N ILE A 560 -2.20 5.49 17.76
CA ILE A 560 -3.33 6.41 17.74
C ILE A 560 -3.02 7.68 18.54
N HIS A 561 -2.45 7.52 19.73
CA HIS A 561 -2.11 8.64 20.59
C HIS A 561 -0.75 9.27 20.25
N GLY A 562 -0.16 8.92 19.10
CA GLY A 562 1.16 9.40 18.72
C GLY A 562 1.31 10.90 18.52
N SER A 563 0.23 11.64 18.75
CA SER A 563 0.20 13.10 18.53
C SER A 563 0.61 13.45 17.10
N LEU A 564 0.21 12.60 16.15
CA LEU A 564 0.48 12.85 14.75
C LEU A 564 -0.80 13.33 14.07
N PRO A 565 -0.89 14.58 13.66
CA PRO A 565 -2.11 15.06 12.98
C PRO A 565 -2.22 14.50 11.57
N ILE A 566 -2.29 13.17 11.45
CA ILE A 566 -2.13 12.54 10.15
C ILE A 566 -3.36 11.68 9.84
N LYS A 567 -3.70 11.65 8.54
CA LYS A 567 -4.61 10.64 8.02
C LYS A 567 -4.16 9.23 8.42
N MET A 568 -2.84 9.02 8.51
CA MET A 568 -2.31 7.71 8.88
C MET A 568 -2.73 7.30 10.29
N ARG A 569 -2.80 8.25 11.22
CA ARG A 569 -3.31 7.94 12.54
C ARG A 569 -4.76 7.45 12.46
N ILE A 570 -5.53 8.03 11.54
CA ILE A 570 -6.92 7.62 11.35
C ILE A 570 -6.99 6.24 10.71
N THR A 571 -6.09 5.96 9.75
CA THR A 571 -6.01 4.61 9.18
C THR A 571 -5.67 3.58 10.26
N PHE A 572 -4.81 3.96 11.19
CA PHE A 572 -4.48 3.06 12.29
C PHE A 572 -5.70 2.84 13.20
N SER A 573 -6.50 3.89 13.39
CA SER A 573 -7.78 3.71 14.07
C SER A 573 -8.66 2.72 13.31
N GLN A 574 -8.75 2.89 11.99
CA GLN A 574 -9.47 1.95 11.13
C GLN A 574 -9.04 0.52 11.39
N ARG A 575 -7.73 0.29 11.43
CA ARG A 575 -7.24 -1.09 11.51
C ARG A 575 -7.33 -1.64 12.92
N LYS A 576 -7.23 -0.79 13.94
CA LYS A 576 -7.59 -1.20 15.29
C LYS A 576 -9.04 -1.65 15.35
N VAL A 577 -9.94 -0.92 14.70
CA VAL A 577 -11.35 -1.31 14.65
C VAL A 577 -11.52 -2.63 13.92
N GLU A 578 -10.90 -2.77 12.74
CA GLU A 578 -10.99 -4.00 11.98
C GLU A 578 -10.50 -5.19 12.80
N PHE A 579 -9.38 -5.01 13.51
CA PHE A 579 -8.87 -6.01 14.42
C PHE A 579 -9.92 -6.39 15.46
N LEU A 580 -10.38 -5.39 16.23
CA LEU A 580 -11.28 -5.66 17.34
C LEU A 580 -12.58 -6.33 16.86
N GLU A 581 -13.11 -5.89 15.72
CA GLU A 581 -14.27 -6.55 15.14
C GLU A 581 -13.94 -8.00 14.78
N ASP A 582 -12.76 -8.23 14.22
CA ASP A 582 -12.32 -9.59 13.92
C ASP A 582 -12.11 -10.39 15.20
N PHE A 583 -11.41 -9.82 16.18
CA PHE A 583 -11.18 -10.52 17.43
C PHE A 583 -11.40 -9.55 18.57
N GLY A 584 -12.32 -9.87 19.47
CA GLY A 584 -12.62 -8.99 20.58
C GLY A 584 -12.93 -9.74 21.86
N SER A 585 -12.36 -9.26 22.96
CA SER A 585 -12.66 -9.85 24.26
C SER A 585 -14.05 -9.46 24.73
N ASP A 586 -14.31 -8.15 24.84
CA ASP A 586 -15.60 -7.61 25.24
C ASP A 586 -15.89 -6.35 24.43
N VAL A 587 -17.16 -6.19 24.05
CA VAL A 587 -17.54 -5.14 23.10
C VAL A 587 -17.16 -3.76 23.61
N ASN A 588 -17.23 -3.56 24.93
CA ASN A 588 -16.91 -2.27 25.54
C ASN A 588 -15.69 -1.60 24.91
N LYS A 589 -14.61 -2.37 24.74
CA LYS A 589 -13.42 -1.82 24.09
C LYS A 589 -13.69 -1.43 22.64
N LEU A 590 -14.41 -2.27 21.89
CA LEU A 590 -14.73 -1.94 20.50
C LEU A 590 -15.54 -0.64 20.43
N LEU A 591 -16.46 -0.44 21.36
CA LEU A 591 -17.29 0.75 21.34
C LEU A 591 -16.48 1.98 21.73
N ASN A 592 -15.66 1.88 22.78
CA ASN A 592 -14.78 2.99 23.14
C ASN A 592 -13.83 3.34 22.00
N ALA A 593 -13.35 2.33 21.27
CA ALA A 593 -12.52 2.56 20.10
C ALA A 593 -13.30 3.29 19.01
N TYR A 594 -14.55 2.87 18.77
CA TYR A 594 -15.38 3.55 17.78
C TYR A 594 -15.61 5.01 18.16
N ASP A 595 -15.81 5.27 19.45
CA ASP A 595 -15.98 6.64 19.92
C ASP A 595 -14.72 7.47 19.68
N GLU A 596 -13.56 6.93 20.07
CA GLU A 596 -12.30 7.63 19.81
C GLU A 596 -12.09 7.88 18.31
N HIS A 597 -12.44 6.90 17.49
CA HIS A 597 -12.31 7.04 16.04
C HIS A 597 -13.15 8.20 15.53
N GLN A 598 -14.43 8.23 15.92
CA GLN A 598 -15.30 9.33 15.51
C GLN A 598 -14.75 10.67 16.01
N THR A 599 -14.27 10.70 17.26
CA THR A 599 -13.68 11.92 17.81
C THR A 599 -12.54 12.43 16.95
N LEU A 600 -11.65 11.52 16.54
CA LEU A 600 -10.52 11.91 15.71
C LEU A 600 -10.96 12.33 14.31
N LEU A 601 -11.97 11.65 13.75
CA LEU A 601 -12.54 12.08 12.48
C LEU A 601 -12.95 13.54 12.56
N LYS A 602 -13.69 13.88 13.62
CA LYS A 602 -14.18 15.24 13.79
C LYS A 602 -13.02 16.22 13.95
N GLU A 603 -12.08 15.91 14.85
CA GLU A 603 -10.98 16.83 15.12
C GLU A 603 -10.14 17.05 13.86
N GLN A 604 -9.91 16.00 13.07
CA GLN A 604 -9.19 16.15 11.81
C GLN A 604 -9.98 17.05 10.86
N ASP A 605 -11.28 16.84 10.75
CA ASP A 605 -12.10 17.65 9.85
C ASP A 605 -12.12 19.12 10.26
N THR A 606 -11.98 19.40 11.56
CA THR A 606 -11.93 20.78 12.01
C THR A 606 -10.76 21.54 11.37
N LEU A 607 -9.57 20.95 11.44
CA LEU A 607 -8.34 21.59 10.97
C LEU A 607 -8.33 21.87 9.47
N ASP B 79 -64.55 -4.60 -2.55
CA ASP B 79 -64.86 -3.42 -3.35
C ASP B 79 -63.89 -2.29 -3.01
N PHE B 80 -63.24 -1.75 -4.04
CA PHE B 80 -62.20 -0.76 -3.86
C PHE B 80 -62.25 0.22 -5.01
N PRO B 81 -61.69 1.42 -4.85
CA PRO B 81 -61.61 2.36 -5.98
C PRO B 81 -60.62 1.84 -7.00
N PRO B 82 -60.69 2.31 -8.26
CA PRO B 82 -59.88 1.67 -9.32
C PRO B 82 -58.38 1.79 -9.10
N GLU B 83 -57.82 2.98 -9.27
CA GLU B 83 -56.38 3.17 -9.31
C GLU B 83 -55.70 2.85 -7.98
N PHE B 84 -56.47 2.43 -6.97
CA PHE B 84 -55.93 2.20 -5.63
C PHE B 84 -54.66 1.37 -5.68
N GLU B 85 -54.77 0.16 -6.25
CA GLU B 85 -53.65 -0.78 -6.31
C GLU B 85 -52.37 -0.08 -6.73
N LYS B 86 -52.46 0.74 -7.78
CA LYS B 86 -51.28 1.40 -8.32
C LYS B 86 -50.55 2.16 -7.21
N PHE B 87 -51.26 3.10 -6.57
CA PHE B 87 -50.65 3.88 -5.50
C PHE B 87 -50.07 2.96 -4.44
N TRP B 88 -50.85 1.96 -4.03
CA TRP B 88 -50.41 1.09 -2.95
C TRP B 88 -49.15 0.34 -3.34
N LYS B 89 -49.02 -0.06 -4.62
CA LYS B 89 -47.82 -0.78 -5.02
C LYS B 89 -46.59 0.08 -4.78
N THR B 90 -46.70 1.39 -5.02
CA THR B 90 -45.58 2.29 -4.73
C THR B 90 -45.09 2.10 -3.31
N VAL B 91 -46.01 2.16 -2.34
CA VAL B 91 -45.59 1.97 -0.95
C VAL B 91 -45.26 0.51 -0.70
N GLU B 92 -45.96 -0.42 -1.37
CA GLU B 92 -45.55 -1.82 -1.36
C GLU B 92 -44.08 -1.94 -1.78
N MET B 93 -43.61 -1.02 -2.64
CA MET B 93 -42.21 -1.02 -3.06
C MET B 93 -41.31 -0.45 -1.98
N ASN B 94 -41.49 0.84 -1.66
CA ASN B 94 -40.58 1.58 -0.78
C ASN B 94 -41.41 2.34 0.24
N PRO B 95 -41.69 1.74 1.40
CA PRO B 95 -42.54 2.41 2.41
C PRO B 95 -42.06 3.80 2.80
N GLN B 96 -40.79 4.12 2.59
CA GLN B 96 -40.27 5.43 2.93
C GLN B 96 -40.57 6.49 1.87
N ASP B 97 -41.22 6.15 0.76
CA ASP B 97 -41.58 7.14 -0.25
C ASP B 97 -42.75 7.92 0.34
N PHE B 98 -42.42 8.83 1.27
CA PHE B 98 -43.42 9.71 1.88
C PHE B 98 -44.32 10.32 0.81
N THR B 99 -43.71 10.85 -0.25
CA THR B 99 -44.47 11.38 -1.37
C THR B 99 -45.49 10.38 -1.90
N GLY B 100 -45.09 9.10 -1.96
CA GLY B 100 -46.04 8.08 -2.38
C GLY B 100 -47.25 8.04 -1.47
N TRP B 101 -47.02 8.08 -0.16
CA TRP B 101 -48.12 8.19 0.78
C TRP B 101 -49.00 9.40 0.46
N VAL B 102 -48.43 10.60 0.55
CA VAL B 102 -49.18 11.84 0.38
C VAL B 102 -50.09 11.73 -0.82
N TYR B 103 -49.55 11.23 -1.94
CA TYR B 103 -50.39 11.05 -3.13
C TYR B 103 -51.52 10.06 -2.85
N LEU B 104 -51.19 8.91 -2.26
CA LEU B 104 -52.21 7.90 -1.94
C LEU B 104 -53.32 8.46 -1.05
N LEU B 105 -52.94 9.28 -0.06
CA LEU B 105 -53.90 9.76 0.93
C LEU B 105 -54.82 10.84 0.36
N GLN B 106 -54.27 11.81 -0.39
CA GLN B 106 -55.16 12.73 -1.09
C GLN B 106 -56.09 11.94 -2.01
N TYR B 107 -55.56 10.90 -2.65
CA TYR B 107 -56.37 10.03 -3.49
C TYR B 107 -57.54 9.43 -2.72
N VAL B 108 -57.26 8.75 -1.60
CA VAL B 108 -58.32 8.03 -0.90
C VAL B 108 -59.34 9.00 -0.33
N GLU B 109 -58.90 10.18 0.12
CA GLU B 109 -59.85 11.23 0.51
C GLU B 109 -60.78 11.56 -0.65
N GLN B 110 -60.23 12.02 -1.77
CA GLN B 110 -61.06 12.46 -2.90
C GLN B 110 -61.99 11.35 -3.37
N GLU B 111 -61.60 10.09 -3.19
CA GLU B 111 -62.51 9.00 -3.56
C GLU B 111 -63.52 8.72 -2.47
N ASN B 112 -63.11 8.84 -1.20
CA ASN B 112 -63.98 8.64 -0.05
C ASN B 112 -64.52 7.20 -0.02
N HIS B 113 -63.61 6.24 -0.05
CA HIS B 113 -63.92 4.85 0.22
C HIS B 113 -63.33 4.51 1.59
N LEU B 114 -64.15 4.00 2.48
CA LEU B 114 -63.75 3.89 3.88
C LEU B 114 -62.66 2.83 4.07
N MET B 115 -63.01 1.56 3.88
CA MET B 115 -62.12 0.47 4.29
C MET B 115 -60.74 0.61 3.67
N ALA B 116 -60.68 1.07 2.41
CA ALA B 116 -59.40 1.36 1.76
C ALA B 116 -58.60 2.39 2.55
N ALA B 117 -59.23 3.54 2.84
CA ALA B 117 -58.56 4.58 3.60
C ALA B 117 -58.12 4.07 4.97
N ARG B 118 -58.93 3.22 5.59
CA ARG B 118 -58.54 2.67 6.90
C ARG B 118 -57.27 1.84 6.78
N LYS B 119 -57.25 0.89 5.83
CA LYS B 119 -56.04 0.10 5.61
C LYS B 119 -54.84 1.00 5.39
N ALA B 120 -54.98 1.98 4.49
CA ALA B 120 -53.93 2.92 4.17
C ALA B 120 -53.42 3.60 5.43
N PHE B 121 -54.26 4.44 6.02
CA PHE B 121 -53.89 5.23 7.19
C PHE B 121 -53.28 4.36 8.29
N ASP B 122 -53.84 3.16 8.52
CA ASP B 122 -53.29 2.29 9.56
C ASP B 122 -51.83 1.96 9.27
N LYS B 123 -51.56 1.44 8.06
CA LYS B 123 -50.17 1.09 7.71
C LYS B 123 -49.26 2.32 7.78
N PHE B 124 -49.70 3.42 7.17
CA PHE B 124 -48.90 4.64 7.12
C PHE B 124 -48.53 5.10 8.54
N PHE B 125 -49.54 5.22 9.41
CA PHE B 125 -49.30 5.69 10.77
C PHE B 125 -48.42 4.72 11.54
N VAL B 126 -48.47 3.42 11.21
CA VAL B 126 -47.44 2.52 11.73
C VAL B 126 -46.06 3.01 11.32
N HIS B 127 -45.93 3.46 10.07
CA HIS B 127 -44.59 3.83 9.61
C HIS B 127 -44.20 5.24 10.04
N TYR B 128 -45.07 6.23 9.85
CA TYR B 128 -44.76 7.64 10.13
C TYR B 128 -45.77 8.24 11.10
N PRO B 129 -45.75 7.81 12.38
CA PRO B 129 -46.79 8.26 13.31
C PRO B 129 -46.80 9.76 13.58
N TYR B 130 -45.64 10.37 13.76
CA TYR B 130 -45.52 11.69 14.37
C TYR B 130 -46.16 12.81 13.53
N CYS B 131 -46.78 12.46 12.41
CA CYS B 131 -47.44 13.42 11.52
C CYS B 131 -48.89 13.52 11.96
N TYR B 132 -49.21 14.52 12.79
CA TYR B 132 -50.53 14.56 13.41
C TYR B 132 -51.60 14.95 12.41
N GLY B 133 -51.30 15.91 11.52
CA GLY B 133 -52.30 16.41 10.60
C GLY B 133 -53.04 15.31 9.89
N TYR B 134 -52.32 14.26 9.50
CA TYR B 134 -52.98 13.13 8.86
C TYR B 134 -53.82 12.34 9.86
N TRP B 135 -53.45 12.32 11.14
CA TRP B 135 -54.33 11.75 12.15
C TRP B 135 -55.66 12.50 12.19
N LYS B 136 -55.58 13.83 12.30
CA LYS B 136 -56.78 14.66 12.30
C LYS B 136 -57.63 14.37 11.06
N LYS B 137 -56.99 14.31 9.88
CA LYS B 137 -57.75 14.07 8.66
C LYS B 137 -58.41 12.68 8.67
N TYR B 138 -57.69 11.68 9.19
CA TYR B 138 -58.24 10.33 9.34
C TYR B 138 -59.50 10.36 10.20
N ALA B 139 -59.42 11.02 11.35
CA ALA B 139 -60.55 11.11 12.25
C ALA B 139 -61.70 11.87 11.63
N ASP B 140 -61.40 12.98 10.95
CA ASP B 140 -62.44 13.75 10.27
C ASP B 140 -63.13 12.91 9.20
N LEU B 141 -62.39 12.00 8.57
CA LEU B 141 -63.01 11.09 7.62
C LEU B 141 -63.99 10.17 8.31
N GLU B 142 -63.53 9.49 9.37
CA GLU B 142 -64.42 8.57 10.07
C GLU B 142 -65.67 9.29 10.57
N LYS B 143 -65.51 10.54 11.01
CA LYS B 143 -66.68 11.36 11.33
C LYS B 143 -67.56 11.57 10.10
N ARG B 144 -66.95 11.96 8.97
CA ARG B 144 -67.70 12.15 7.73
C ARG B 144 -68.52 10.93 7.36
N HIS B 145 -68.13 9.75 7.85
CA HIS B 145 -68.94 8.55 7.67
C HIS B 145 -69.81 8.25 8.88
N ASP B 146 -70.01 9.24 9.75
CA ASP B 146 -70.92 9.17 10.90
C ASP B 146 -70.75 7.86 11.65
N ASN B 147 -69.48 7.49 11.87
CA ASN B 147 -69.11 6.28 12.60
C ASN B 147 -68.15 6.75 13.71
N ILE B 148 -68.71 7.49 14.66
CA ILE B 148 -67.93 8.36 15.54
C ILE B 148 -66.99 7.56 16.45
N LYS B 149 -67.51 6.50 17.09
CA LYS B 149 -66.69 5.73 18.02
C LYS B 149 -65.34 5.36 17.40
N GLN B 150 -65.34 5.05 16.10
CA GLN B 150 -64.09 4.86 15.37
C GLN B 150 -63.24 6.13 15.40
N SER B 151 -63.86 7.31 15.22
CA SER B 151 -63.11 8.55 15.22
C SER B 151 -62.48 8.82 16.59
N ASP B 152 -63.21 8.48 17.66
CA ASP B 152 -62.63 8.58 19.00
C ASP B 152 -61.45 7.64 19.15
N GLU B 153 -61.59 6.40 18.66
CA GLU B 153 -60.46 5.48 18.67
C GLU B 153 -59.29 6.06 17.89
N VAL B 154 -59.58 6.77 16.81
CA VAL B 154 -58.51 7.32 15.97
C VAL B 154 -57.74 8.39 16.74
N TYR B 155 -58.46 9.34 17.33
CA TYR B 155 -57.80 10.37 18.13
C TYR B 155 -56.97 9.75 19.25
N ARG B 156 -57.55 8.76 19.94
CA ARG B 156 -56.84 8.11 21.05
C ARG B 156 -55.61 7.36 20.56
N ARG B 157 -55.71 6.69 19.42
CA ARG B 157 -54.58 5.97 18.84
C ARG B 157 -53.46 6.93 18.47
N GLY B 158 -53.80 8.00 17.75
CA GLY B 158 -52.80 9.00 17.39
C GLY B 158 -52.10 9.56 18.60
N LEU B 159 -52.88 9.89 19.65
CA LEU B 159 -52.27 10.38 20.88
C LEU B 159 -51.42 9.31 21.55
N GLN B 160 -51.87 8.05 21.50
CA GLN B 160 -51.08 6.93 22.00
C GLN B 160 -49.73 6.86 21.30
N ALA B 161 -49.71 7.20 20.01
CA ALA B 161 -48.46 7.25 19.27
C ALA B 161 -47.68 8.52 19.59
N ILE B 162 -48.32 9.68 19.50
CA ILE B 162 -47.66 10.95 19.79
C ILE B 162 -48.44 11.70 20.86
N PRO B 163 -47.90 11.83 22.07
CA PRO B 163 -48.66 12.49 23.14
C PRO B 163 -48.11 13.87 23.45
N LEU B 164 -47.48 14.50 22.46
CA LEU B 164 -46.99 15.86 22.63
C LEU B 164 -47.41 16.79 21.52
N SER B 165 -48.34 16.38 20.66
CA SER B 165 -48.87 17.29 19.65
C SER B 165 -50.02 18.02 20.33
N VAL B 166 -49.69 19.18 20.91
CA VAL B 166 -50.65 20.07 21.53
C VAL B 166 -51.86 20.18 20.61
N ASP B 167 -51.58 20.41 19.32
CA ASP B 167 -52.64 20.59 18.34
C ASP B 167 -53.56 19.38 18.29
N LEU B 168 -53.01 18.16 18.48
CA LEU B 168 -53.84 16.97 18.38
C LEU B 168 -54.76 16.84 19.59
N TRP B 169 -54.23 17.10 20.79
CA TRP B 169 -55.09 17.13 21.98
C TRP B 169 -56.20 18.16 21.82
N ILE B 170 -55.86 19.34 21.30
CA ILE B 170 -56.86 20.37 21.04
C ILE B 170 -57.93 19.86 20.10
N HIS B 171 -57.53 19.16 19.03
CA HIS B 171 -58.50 18.61 18.10
C HIS B 171 -59.41 17.60 18.80
N TYR B 172 -58.83 16.72 19.62
CA TYR B 172 -59.62 15.73 20.35
C TYR B 172 -60.63 16.40 21.27
N ILE B 173 -60.21 17.48 21.94
CA ILE B 173 -61.08 18.14 22.90
C ILE B 173 -62.22 18.87 22.19
N ASN B 174 -61.90 19.68 21.19
CA ASN B 174 -62.94 20.29 20.35
C ASN B 174 -63.87 19.23 19.78
N PHE B 175 -63.33 18.06 19.44
CA PHE B 175 -64.14 16.93 18.95
C PHE B 175 -65.15 16.49 20.01
N LEU B 176 -64.68 16.32 21.25
CA LEU B 176 -65.58 15.96 22.34
C LEU B 176 -66.68 17.00 22.52
N LYS B 177 -66.30 18.29 22.48
CA LYS B 177 -67.30 19.37 22.51
C LYS B 177 -68.34 19.20 21.41
N GLU B 178 -67.90 18.87 20.19
CA GLU B 178 -68.83 18.69 19.08
C GLU B 178 -69.81 17.56 19.35
N THR B 179 -69.31 16.44 19.88
CA THR B 179 -70.09 15.22 20.04
C THR B 179 -70.00 14.77 21.49
N LEU B 180 -70.99 15.15 22.29
CA LEU B 180 -71.20 14.66 23.65
C LEU B 180 -72.59 15.10 24.09
N ASP B 181 -73.28 14.25 24.86
CA ASP B 181 -74.66 14.52 25.23
C ASP B 181 -74.70 15.15 26.62
N PRO B 182 -74.86 16.48 26.74
CA PRO B 182 -74.92 17.09 28.07
C PRO B 182 -76.00 16.49 28.96
N GLY B 183 -77.04 15.88 28.38
CA GLY B 183 -78.02 15.16 29.18
C GLY B 183 -77.40 14.15 30.10
N ASP B 184 -76.32 13.50 29.66
CA ASP B 184 -75.54 12.65 30.54
C ASP B 184 -74.67 13.52 31.43
N GLN B 185 -74.52 13.11 32.69
CA GLN B 185 -73.68 13.84 33.62
C GLN B 185 -72.21 13.59 33.36
N GLU B 186 -71.86 12.39 32.90
CA GLU B 186 -70.49 11.92 32.81
C GLU B 186 -69.65 12.70 31.78
N THR B 187 -70.28 13.40 30.84
CA THR B 187 -69.51 14.11 29.80
C THR B 187 -68.49 15.05 30.41
N ASN B 188 -68.94 15.96 31.28
CA ASN B 188 -68.01 16.89 31.91
C ASN B 188 -66.90 16.13 32.64
N THR B 189 -67.23 14.99 33.25
CA THR B 189 -66.22 14.17 33.91
C THR B 189 -65.16 13.70 32.93
N THR B 190 -65.60 13.19 31.77
CA THR B 190 -64.66 12.74 30.75
C THR B 190 -63.81 13.88 30.26
N ILE B 191 -64.41 15.06 30.03
CA ILE B 191 -63.66 16.21 29.55
C ILE B 191 -62.60 16.63 30.58
N ARG B 192 -62.96 16.64 31.86
CA ARG B 192 -62.00 16.96 32.92
C ARG B 192 -60.82 16.00 32.88
N GLY B 193 -61.12 14.69 32.89
CA GLY B 193 -60.05 13.70 32.80
C GLY B 193 -59.20 13.87 31.56
N THR B 194 -59.84 14.26 30.45
CA THR B 194 -59.13 14.45 29.19
C THR B 194 -58.17 15.63 29.27
N PHE B 195 -58.65 16.77 29.78
CA PHE B 195 -57.77 17.92 29.93
C PHE B 195 -56.59 17.61 30.85
N GLU B 196 -56.86 16.90 31.96
CA GLU B 196 -55.79 16.53 32.87
C GLU B 196 -54.80 15.59 32.18
N HIS B 197 -55.30 14.64 31.40
CA HIS B 197 -54.43 13.77 30.62
C HIS B 197 -53.56 14.58 29.67
N ALA B 198 -54.19 15.49 28.91
CA ALA B 198 -53.48 16.31 27.93
C ALA B 198 -52.34 17.08 28.59
N VAL B 199 -52.63 17.78 29.69
CA VAL B 199 -51.56 18.54 30.32
C VAL B 199 -50.49 17.61 30.89
N LEU B 200 -50.89 16.51 31.53
CA LEU B 200 -49.91 15.59 32.12
C LEU B 200 -49.08 14.87 31.06
N ALA B 201 -49.49 14.92 29.81
CA ALA B 201 -48.74 14.33 28.71
C ALA B 201 -47.90 15.34 27.94
N ALA B 202 -48.40 16.57 27.76
CA ALA B 202 -47.76 17.53 26.88
C ALA B 202 -47.79 18.97 27.38
N GLY B 203 -48.38 19.23 28.56
CA GLY B 203 -48.46 20.60 29.04
C GLY B 203 -47.13 21.29 29.19
N THR B 204 -46.07 20.52 29.42
CA THR B 204 -44.74 21.08 29.66
C THR B 204 -44.11 21.69 28.41
N ASP B 205 -44.69 21.45 27.23
CA ASP B 205 -44.18 22.03 26.00
C ASP B 205 -44.20 23.56 26.10
N PHE B 206 -43.15 24.18 25.60
CA PHE B 206 -43.03 25.64 25.61
C PHE B 206 -44.06 26.33 24.72
N ARG B 207 -44.80 25.58 23.90
CA ARG B 207 -45.83 26.11 23.01
C ARG B 207 -47.18 25.46 23.28
N SER B 208 -47.45 25.13 24.55
CA SER B 208 -48.67 24.48 24.96
C SER B 208 -49.69 25.46 25.55
N ASP B 209 -49.63 26.72 25.14
CA ASP B 209 -50.42 27.77 25.77
C ASP B 209 -51.91 27.62 25.47
N LYS B 210 -52.26 27.68 24.19
CA LYS B 210 -53.67 27.61 23.80
C LYS B 210 -54.38 26.43 24.46
N LEU B 211 -53.64 25.37 24.80
CA LEU B 211 -54.22 24.28 25.57
C LEU B 211 -54.62 24.72 26.97
N TRP B 212 -53.69 25.33 27.71
CA TRP B 212 -54.00 25.81 29.05
C TRP B 212 -55.12 26.84 29.02
N GLU B 213 -55.06 27.78 28.06
CA GLU B 213 -56.10 28.78 27.90
C GLU B 213 -57.46 28.13 27.63
N MET B 214 -57.47 27.06 26.83
CA MET B 214 -58.70 26.33 26.57
C MET B 214 -59.25 25.72 27.86
N TYR B 215 -58.37 25.07 28.63
CA TYR B 215 -58.72 24.55 29.95
C TYR B 215 -59.31 25.63 30.84
N ILE B 216 -58.68 26.81 30.84
CA ILE B 216 -59.10 27.91 31.70
C ILE B 216 -60.51 28.36 31.34
N ASN B 217 -60.72 28.74 30.07
CA ASN B 217 -62.04 29.16 29.64
C ASN B 217 -63.09 28.07 29.87
N TRP B 218 -62.70 26.80 29.72
CA TRP B 218 -63.61 25.71 30.03
C TRP B 218 -64.08 25.78 31.47
N GLU B 219 -63.14 25.67 32.41
CA GLU B 219 -63.50 25.71 33.83
C GLU B 219 -64.10 27.04 34.26
N ASN B 220 -63.99 28.07 33.42
CA ASN B 220 -64.59 29.37 33.72
C ASN B 220 -66.07 29.39 33.37
N GLU B 221 -66.42 29.03 32.13
CA GLU B 221 -67.84 28.99 31.76
C GLU B 221 -68.62 28.07 32.68
N GLN B 222 -68.05 26.94 33.08
CA GLN B 222 -68.71 26.09 34.07
C GLN B 222 -68.85 26.79 35.41
N GLY B 223 -68.14 27.90 35.63
CA GLY B 223 -68.26 28.65 36.85
C GLY B 223 -67.43 28.12 37.99
N ASN B 224 -66.74 27.00 37.80
CA ASN B 224 -66.00 26.33 38.87
C ASN B 224 -64.64 27.00 39.03
N LEU B 225 -64.68 28.27 39.45
CA LEU B 225 -63.50 29.13 39.47
C LEU B 225 -62.43 28.65 40.44
N ARG B 226 -62.80 27.82 41.42
CA ARG B 226 -61.79 27.18 42.28
C ARG B 226 -60.84 26.35 41.41
N GLU B 227 -61.41 25.57 40.49
CA GLU B 227 -60.62 24.79 39.56
C GLU B 227 -59.82 25.70 38.64
N VAL B 228 -60.42 26.82 38.22
CA VAL B 228 -59.71 27.82 37.41
C VAL B 228 -58.46 28.28 38.15
N THR B 229 -58.59 28.60 39.43
CA THR B 229 -57.45 29.04 40.21
C THR B 229 -56.41 27.93 40.32
N ALA B 230 -56.86 26.68 40.50
CA ALA B 230 -55.94 25.55 40.53
C ALA B 230 -55.15 25.46 39.21
N VAL B 231 -55.84 25.62 38.09
CA VAL B 231 -55.19 25.59 36.78
C VAL B 231 -54.14 26.68 36.69
N TYR B 232 -54.50 27.91 37.04
CA TYR B 232 -53.52 29.00 36.99
C TYR B 232 -52.32 28.72 37.87
N ASP B 233 -52.55 28.18 39.07
CA ASP B 233 -51.46 27.80 39.97
C ASP B 233 -50.52 26.81 39.29
N ARG B 234 -51.09 25.79 38.66
CA ARG B 234 -50.27 24.80 37.97
C ARG B 234 -49.47 25.43 36.83
N ILE B 235 -50.13 26.19 35.95
CA ILE B 235 -49.48 26.63 34.72
C ILE B 235 -48.37 27.63 35.03
N LEU B 236 -48.61 28.57 35.95
CA LEU B 236 -47.60 29.58 36.20
C LEU B 236 -46.31 29.01 36.79
N GLY B 237 -46.29 27.74 37.18
CA GLY B 237 -45.07 27.07 37.57
C GLY B 237 -44.40 26.38 36.40
N ILE B 238 -44.78 26.79 35.19
CA ILE B 238 -44.30 26.16 33.96
C ILE B 238 -43.99 27.26 32.94
N PRO B 239 -42.91 27.14 32.18
CA PRO B 239 -42.62 28.16 31.17
C PRO B 239 -43.37 27.92 29.87
N THR B 240 -43.67 29.02 29.19
CA THR B 240 -44.35 28.99 27.89
C THR B 240 -43.86 30.16 27.07
N GLN B 241 -44.30 30.19 25.80
CA GLN B 241 -44.03 31.35 24.96
C GLN B 241 -44.81 32.57 25.42
N LEU B 242 -46.01 32.36 25.97
CA LEU B 242 -46.92 33.47 26.28
C LEU B 242 -47.28 33.47 27.77
N TYR B 243 -46.30 33.15 28.62
CA TYR B 243 -46.48 33.21 30.07
C TYR B 243 -47.09 34.53 30.52
N SER B 244 -46.66 35.64 29.92
CA SER B 244 -47.15 36.96 30.28
C SER B 244 -48.65 37.07 30.06
N HIS B 245 -49.16 36.48 28.97
CA HIS B 245 -50.59 36.52 28.71
C HIS B 245 -51.36 35.81 29.82
N HIS B 246 -50.89 34.62 30.22
CA HIS B 246 -51.51 33.92 31.35
C HIS B 246 -51.47 34.77 32.61
N PHE B 247 -50.34 35.44 32.88
CA PHE B 247 -50.26 36.25 34.10
C PHE B 247 -51.28 37.37 34.08
N GLN B 248 -51.36 38.12 32.98
CA GLN B 248 -52.33 39.20 32.91
C GLN B 248 -53.76 38.67 33.00
N ARG B 249 -54.02 37.48 32.45
CA ARG B 249 -55.34 36.89 32.59
C ARG B 249 -55.65 36.53 34.03
N PHE B 250 -54.67 35.97 34.76
CA PHE B 250 -54.88 35.65 36.17
C PHE B 250 -55.17 36.91 36.97
N LYS B 251 -54.42 37.98 36.67
CA LYS B 251 -54.62 39.24 37.37
C LYS B 251 -56.02 39.78 37.12
N GLU B 252 -56.44 39.80 35.85
CA GLU B 252 -57.81 40.21 35.51
C GLU B 252 -58.85 39.31 36.20
N HIS B 253 -58.58 38.00 36.24
CA HIS B 253 -59.48 37.04 36.86
C HIS B 253 -59.68 37.34 38.34
N VAL B 254 -58.59 37.66 39.03
CA VAL B 254 -58.69 38.08 40.42
C VAL B 254 -59.49 39.37 40.54
N GLN B 255 -59.17 40.35 39.67
CA GLN B 255 -59.77 41.68 39.78
C GLN B 255 -61.29 41.63 39.64
N ASN B 256 -61.81 40.83 38.72
CA ASN B 256 -63.22 40.85 38.38
C ASN B 256 -64.05 39.77 39.06
N ASN B 257 -63.53 39.13 40.11
CA ASN B 257 -64.29 38.10 40.81
C ASN B 257 -64.03 38.16 42.31
N LEU B 258 -64.90 37.43 43.07
CA LEU B 258 -65.04 37.45 44.53
C LEU B 258 -64.09 36.44 45.16
N PRO B 259 -63.25 36.85 46.12
CA PRO B 259 -62.23 35.92 46.65
C PRO B 259 -62.79 34.73 47.42
N ARG B 260 -63.97 34.84 48.02
CA ARG B 260 -64.60 33.67 48.64
C ARG B 260 -64.76 32.53 47.64
N ASP B 261 -65.05 32.87 46.38
CA ASP B 261 -65.28 31.86 45.35
C ASP B 261 -63.99 31.15 44.99
N LEU B 262 -62.87 31.89 44.98
CA LEU B 262 -61.66 31.41 44.33
C LEU B 262 -61.06 30.19 45.04
N LEU B 263 -60.82 30.28 46.34
CA LEU B 263 -60.04 29.26 47.02
C LEU B 263 -60.91 28.16 47.62
N THR B 264 -60.23 27.12 48.11
CA THR B 264 -60.83 26.16 49.03
C THR B 264 -60.78 26.78 50.42
N GLY B 265 -61.94 26.96 51.04
CA GLY B 265 -62.09 27.54 52.37
C GLY B 265 -60.81 27.67 53.17
N GLU B 266 -60.13 26.53 53.36
CA GLU B 266 -58.84 26.51 54.05
C GLU B 266 -57.86 27.49 53.41
N GLN B 267 -57.64 27.34 52.10
CA GLN B 267 -56.76 28.25 51.37
C GLN B 267 -57.17 29.70 51.63
N PHE B 268 -58.49 29.92 51.73
CA PHE B 268 -59.01 31.24 52.09
C PHE B 268 -58.69 31.58 53.54
N ILE B 269 -59.12 30.72 54.47
CA ILE B 269 -59.16 31.11 55.88
C ILE B 269 -57.77 31.44 56.41
N GLN B 270 -56.79 30.57 56.12
CA GLN B 270 -55.42 30.84 56.55
C GLN B 270 -54.98 32.23 56.08
N LEU B 271 -55.26 32.56 54.83
CA LEU B 271 -54.93 33.88 54.30
C LEU B 271 -55.45 34.96 55.25
N ARG B 272 -56.74 34.88 55.59
CA ARG B 272 -57.32 35.84 56.52
C ARG B 272 -56.51 35.91 57.81
N ARG B 273 -56.25 34.76 58.42
CA ARG B 273 -55.48 34.76 59.67
C ARG B 273 -54.12 35.40 59.50
N GLU B 274 -53.47 35.17 58.36
CA GLU B 274 -52.16 35.79 58.15
C GLU B 274 -52.29 37.31 58.29
N LEU B 275 -53.33 37.89 57.69
CA LEU B 275 -53.60 39.31 57.82
C LEU B 275 -53.55 39.75 59.28
N ALA B 276 -54.22 38.98 60.16
CA ALA B 276 -54.30 39.36 61.56
C ALA B 276 -52.91 39.54 62.17
N SER B 277 -51.97 38.63 61.86
CA SER B 277 -50.66 38.73 62.47
C SER B 277 -49.94 40.02 62.08
N VAL B 278 -50.24 40.55 60.90
CA VAL B 278 -49.70 41.83 60.49
C VAL B 278 -50.37 42.98 61.25
N ASN B 279 -51.69 42.85 61.50
CA ASN B 279 -52.46 43.96 62.05
C ASN B 279 -52.00 44.34 63.44
N GLY B 280 -51.57 43.36 64.24
CA GLY B 280 -51.14 43.63 65.60
C GLY B 280 -49.82 44.38 65.69
N THR B 300 -68.48 41.67 58.93
CA THR B 300 -69.62 42.35 59.55
C THR B 300 -69.74 43.79 59.03
N ASP B 301 -68.81 44.65 59.41
CA ASP B 301 -68.75 46.00 58.87
C ASP B 301 -68.57 45.88 57.36
N PRO B 302 -69.52 46.34 56.53
CA PRO B 302 -69.38 46.17 55.08
C PRO B 302 -68.13 46.82 54.50
N ALA B 303 -67.89 48.09 54.78
CA ALA B 303 -66.72 48.78 54.25
C ALA B 303 -65.43 48.12 54.71
N LYS B 304 -65.37 47.69 55.97
CA LYS B 304 -64.19 46.96 56.45
C LYS B 304 -64.02 45.66 55.68
N LEU B 305 -65.13 44.99 55.35
CA LEU B 305 -65.04 43.78 54.54
C LEU B 305 -64.48 44.08 53.15
N ILE B 306 -64.91 45.20 52.55
CA ILE B 306 -64.37 45.63 51.27
C ILE B 306 -62.85 45.84 51.38
N THR B 307 -62.42 46.49 52.46
CA THR B 307 -60.99 46.69 52.69
C THR B 307 -60.26 45.34 52.77
N GLU B 308 -60.84 44.39 53.52
CA GLU B 308 -60.19 43.09 53.67
C GLU B 308 -60.11 42.35 52.34
N ILE B 309 -61.17 42.42 51.53
CA ILE B 309 -61.18 41.72 50.25
C ILE B 309 -60.14 42.33 49.31
N GLU B 310 -60.09 43.66 49.23
CA GLU B 310 -59.08 44.33 48.41
C GLU B 310 -57.67 43.95 48.85
N ASN B 311 -57.45 43.87 50.17
CA ASN B 311 -56.15 43.47 50.70
C ASN B 311 -55.84 42.01 50.35
N MET B 312 -56.84 41.13 50.41
CA MET B 312 -56.66 39.74 50.00
C MET B 312 -56.20 39.68 48.55
N ARG B 313 -56.87 40.45 47.69
CA ARG B 313 -56.52 40.52 46.28
C ARG B 313 -55.06 40.93 46.12
N HIS B 314 -54.65 42.02 46.77
CA HIS B 314 -53.28 42.48 46.59
C HIS B 314 -52.27 41.47 47.13
N ARG B 315 -52.60 40.78 48.21
CA ARG B 315 -51.67 39.78 48.75
C ARG B 315 -51.49 38.61 47.80
N ILE B 316 -52.60 38.10 47.26
CA ILE B 316 -52.51 37.02 46.27
C ILE B 316 -51.74 37.48 45.03
N ILE B 317 -51.98 38.72 44.60
CA ILE B 317 -51.24 39.30 43.48
C ILE B 317 -49.74 39.31 43.78
N GLU B 318 -49.36 39.71 44.99
CA GLU B 318 -47.94 39.70 45.37
C GLU B 318 -47.35 38.30 45.26
N ILE B 319 -48.05 37.31 45.84
CA ILE B 319 -47.60 35.92 45.78
C ILE B 319 -47.33 35.51 44.33
N HIS B 320 -48.35 35.62 43.49
CA HIS B 320 -48.23 35.13 42.13
C HIS B 320 -47.31 35.99 41.28
N GLN B 321 -47.16 37.28 41.62
CA GLN B 321 -46.15 38.09 40.94
C GLN B 321 -44.75 37.59 41.23
N GLU B 322 -44.48 37.17 42.47
CA GLU B 322 -43.17 36.57 42.76
C GLU B 322 -42.98 35.30 41.93
N MET B 323 -43.96 34.40 41.99
CA MET B 323 -43.87 33.16 41.23
C MET B 323 -43.68 33.43 39.74
N PHE B 324 -44.34 34.45 39.21
CA PHE B 324 -44.24 34.80 37.81
C PHE B 324 -42.86 35.35 37.48
N ASN B 325 -42.30 36.18 38.36
CA ASN B 325 -40.94 36.66 38.16
C ASN B 325 -39.98 35.48 38.06
N TYR B 326 -40.16 34.50 38.94
CA TYR B 326 -39.31 33.31 38.93
C TYR B 326 -39.44 32.55 37.61
N ASN B 327 -40.68 32.26 37.20
CA ASN B 327 -40.89 31.54 35.95
C ASN B 327 -40.40 32.33 34.75
N GLU B 328 -40.52 33.66 34.78
CA GLU B 328 -40.04 34.50 33.68
C GLU B 328 -38.52 34.44 33.58
N HIS B 329 -37.84 34.41 34.71
CA HIS B 329 -36.39 34.21 34.66
C HIS B 329 -36.05 32.87 34.03
N GLU B 330 -36.70 31.80 34.50
CA GLU B 330 -36.48 30.48 33.93
C GLU B 330 -36.82 30.45 32.43
N VAL B 331 -37.73 31.31 31.99
CA VAL B 331 -38.04 31.42 30.55
C VAL B 331 -36.90 32.10 29.82
N SER B 332 -36.54 33.31 30.28
CA SER B 332 -35.51 34.10 29.61
C SER B 332 -34.22 33.32 29.46
N LYS B 333 -33.97 32.34 30.35
CA LYS B 333 -32.85 31.43 30.15
C LYS B 333 -32.95 30.72 28.79
N ARG B 334 -34.15 30.26 28.44
CA ARG B 334 -34.37 29.37 27.31
C ARG B 334 -35.00 30.07 26.10
N TRP B 335 -35.22 31.39 26.18
CA TRP B 335 -35.91 32.08 25.11
C TRP B 335 -35.16 31.98 23.79
N THR B 336 -33.86 32.30 23.80
CA THR B 336 -33.07 32.28 22.57
C THR B 336 -33.09 30.88 21.95
N PHE B 337 -32.86 29.87 22.78
CA PHE B 337 -32.92 28.48 22.33
C PHE B 337 -34.26 28.17 21.67
N GLU B 338 -35.35 28.33 22.41
CA GLU B 338 -36.66 27.92 21.91
C GLU B 338 -37.04 28.68 20.64
N GLU B 339 -36.72 29.98 20.57
CA GLU B 339 -36.96 30.70 19.32
C GLU B 339 -36.06 30.18 18.21
N GLY B 340 -34.91 29.61 18.57
CA GLY B 340 -34.03 29.01 17.58
C GLY B 340 -34.72 27.93 16.77
N ILE B 341 -35.59 27.15 17.43
CA ILE B 341 -36.40 26.18 16.69
C ILE B 341 -37.27 26.93 15.69
N LYS B 342 -37.32 26.42 14.47
CA LYS B 342 -38.23 26.95 13.46
C LYS B 342 -39.28 25.94 13.04
N ARG B 343 -39.19 24.70 13.53
CA ARG B 343 -40.09 23.62 13.10
C ARG B 343 -40.26 22.64 14.24
N PRO B 344 -41.13 22.97 15.22
CA PRO B 344 -41.41 22.04 16.33
C PRO B 344 -42.22 20.82 15.94
N TYR B 345 -42.61 20.68 14.67
CA TYR B 345 -43.39 19.54 14.20
C TYR B 345 -42.53 18.70 13.25
N PHE B 346 -42.78 17.40 13.25
CA PHE B 346 -42.07 16.49 12.35
C PHE B 346 -42.43 16.81 10.89
N HIS B 347 -41.44 16.67 10.01
CA HIS B 347 -41.66 16.82 8.58
C HIS B 347 -40.48 16.17 7.87
N VAL B 348 -40.77 15.59 6.71
CA VAL B 348 -39.77 14.82 5.97
C VAL B 348 -38.58 15.70 5.59
N LYS B 349 -38.85 16.95 5.23
CA LYS B 349 -37.81 17.84 4.74
C LYS B 349 -36.62 17.86 5.70
N PRO B 350 -35.39 17.81 5.22
CA PRO B 350 -34.24 17.72 6.11
C PRO B 350 -33.91 19.05 6.76
N LEU B 351 -33.31 18.97 7.95
CA LEU B 351 -33.03 20.16 8.73
C LEU B 351 -31.64 20.71 8.44
N GLU B 352 -31.51 22.03 8.58
CA GLU B 352 -30.22 22.69 8.52
C GLU B 352 -29.38 22.33 9.74
N LYS B 353 -28.06 22.25 9.54
CA LYS B 353 -27.19 21.91 10.66
C LYS B 353 -27.28 22.92 11.79
N ALA B 354 -27.62 24.17 11.47
CA ALA B 354 -27.76 25.19 12.50
C ALA B 354 -28.77 24.77 13.55
N GLN B 355 -29.98 24.40 13.12
CA GLN B 355 -31.01 23.97 14.05
C GLN B 355 -30.63 22.66 14.73
N LEU B 356 -29.82 21.83 14.07
CA LEU B 356 -29.31 20.63 14.71
C LEU B 356 -28.44 20.99 15.92
N LYS B 357 -27.53 21.95 15.74
CA LYS B 357 -26.77 22.49 16.86
C LYS B 357 -27.71 23.09 17.90
N ASN B 358 -28.78 23.76 17.45
CA ASN B 358 -29.73 24.36 18.36
C ASN B 358 -30.34 23.30 19.29
N TRP B 359 -30.96 22.29 18.69
CA TRP B 359 -31.55 21.20 19.46
C TRP B 359 -30.51 20.55 20.38
N LYS B 360 -29.31 20.28 19.86
CA LYS B 360 -28.31 19.58 20.65
C LYS B 360 -27.90 20.40 21.88
N GLU B 361 -27.52 21.67 21.67
CA GLU B 361 -27.05 22.52 22.76
C GLU B 361 -28.16 22.81 23.76
N TYR B 362 -29.39 23.01 23.27
CA TYR B 362 -30.53 23.21 24.16
C TYR B 362 -30.79 21.97 25.01
N LEU B 363 -30.73 20.80 24.37
CA LEU B 363 -30.80 19.54 25.07
C LEU B 363 -29.76 19.45 26.18
N GLU B 364 -28.50 19.72 25.85
CA GLU B 364 -27.42 19.70 26.84
C GLU B 364 -27.69 20.67 27.98
N PHE B 365 -28.19 21.86 27.65
CA PHE B 365 -28.53 22.87 28.64
C PHE B 365 -29.49 22.29 29.67
N GLU B 366 -30.63 21.78 29.20
CA GLU B 366 -31.58 21.19 30.14
C GLU B 366 -30.97 20.02 30.90
N ILE B 367 -30.12 19.24 30.24
CA ILE B 367 -29.48 18.11 30.90
C ILE B 367 -28.70 18.57 32.13
N GLU B 368 -28.04 19.73 32.04
CA GLU B 368 -27.25 20.16 33.20
C GLU B 368 -28.11 20.77 34.30
N ASN B 369 -29.12 21.56 33.95
CA ASN B 369 -29.86 22.35 34.94
C ASN B 369 -31.30 21.88 35.17
N GLY B 370 -32.09 21.73 34.12
CA GLY B 370 -33.50 21.41 34.29
C GLY B 370 -33.71 20.08 35.00
N THR B 371 -34.96 19.82 35.34
CA THR B 371 -35.28 18.56 36.02
C THR B 371 -35.10 17.39 35.07
N HIS B 372 -34.82 16.21 35.64
CA HIS B 372 -34.80 15.00 34.83
C HIS B 372 -36.10 14.86 34.03
N GLU B 373 -37.22 15.17 34.67
CA GLU B 373 -38.52 15.16 33.98
C GLU B 373 -38.52 16.15 32.82
N ARG B 374 -38.10 17.39 33.11
CA ARG B 374 -38.01 18.42 32.09
C ARG B 374 -37.14 17.98 30.92
N VAL B 375 -36.02 17.32 31.24
CA VAL B 375 -35.15 16.79 30.19
C VAL B 375 -35.92 15.81 29.34
N VAL B 376 -36.41 14.71 29.95
CA VAL B 376 -37.11 13.68 29.18
C VAL B 376 -38.17 14.29 28.28
N VAL B 377 -38.90 15.29 28.79
CA VAL B 377 -39.89 15.98 27.96
C VAL B 377 -39.22 16.60 26.72
N LEU B 378 -38.20 17.43 26.96
CA LEU B 378 -37.54 18.12 25.83
C LEU B 378 -36.90 17.12 24.88
N PHE B 379 -36.40 16.02 25.41
CA PHE B 379 -35.72 15.02 24.60
C PHE B 379 -36.72 14.32 23.69
N GLU B 380 -37.86 13.91 24.24
CA GLU B 380 -38.91 13.35 23.39
C GLU B 380 -39.38 14.35 22.34
N ARG B 381 -39.40 15.64 22.70
CA ARG B 381 -39.69 16.66 21.69
C ARG B 381 -38.66 16.62 20.56
N CYS B 382 -37.38 16.68 20.92
CA CYS B 382 -36.31 16.63 19.92
C CYS B 382 -36.35 15.34 19.13
N VAL B 383 -36.98 14.30 19.67
CA VAL B 383 -37.22 13.10 18.90
C VAL B 383 -38.37 13.33 17.92
N ILE B 384 -39.40 14.09 18.31
CA ILE B 384 -40.57 14.24 17.44
C ILE B 384 -40.21 15.01 16.18
N SER B 385 -39.77 16.26 16.34
CA SER B 385 -39.04 16.88 15.24
C SER B 385 -37.70 16.16 15.08
N CYS B 386 -37.09 16.32 13.90
CA CYS B 386 -35.81 15.70 13.56
C CYS B 386 -35.72 14.26 14.08
N ALA B 387 -36.79 13.50 13.84
CA ALA B 387 -36.79 12.08 14.17
C ALA B 387 -35.92 11.28 13.21
N LEU B 388 -35.68 11.83 12.02
CA LEU B 388 -34.97 11.10 10.98
C LEU B 388 -33.51 10.89 11.32
N TYR B 389 -32.92 11.77 12.13
CA TYR B 389 -31.49 11.79 12.36
C TYR B 389 -31.15 10.89 13.55
N GLU B 390 -30.44 9.78 13.27
CA GLU B 390 -30.14 8.78 14.30
C GLU B 390 -29.35 9.38 15.45
N GLU B 391 -28.56 10.42 15.17
CA GLU B 391 -27.67 11.04 16.16
C GLU B 391 -28.43 11.37 17.45
N PHE B 392 -29.61 11.96 17.29
CA PHE B 392 -30.34 12.45 18.44
C PHE B 392 -30.90 11.29 19.27
N TRP B 393 -31.51 10.31 18.60
CA TRP B 393 -31.96 9.11 19.30
C TRP B 393 -30.82 8.46 20.06
N ILE B 394 -29.61 8.48 19.47
CA ILE B 394 -28.44 7.88 20.11
C ILE B 394 -28.07 8.63 21.39
N LYS B 395 -27.97 9.97 21.30
CA LYS B 395 -27.67 10.74 22.50
C LYS B 395 -28.76 10.53 23.56
N TYR B 396 -30.00 10.34 23.11
CA TYR B 396 -31.10 9.98 24.00
C TYR B 396 -30.81 8.66 24.71
N ALA B 397 -30.38 7.65 23.95
CA ALA B 397 -30.03 6.37 24.54
C ALA B 397 -28.92 6.53 25.57
N LYS B 398 -27.96 7.42 25.32
CA LYS B 398 -26.88 7.66 26.29
C LYS B 398 -27.45 8.25 27.57
N TYR B 399 -28.33 9.23 27.44
CA TYR B 399 -28.90 9.84 28.64
C TYR B 399 -29.69 8.80 29.43
N MET B 400 -30.53 8.04 28.74
CA MET B 400 -31.31 6.99 29.40
C MET B 400 -30.40 5.91 29.99
N GLU B 401 -29.21 5.70 29.42
CA GLU B 401 -28.19 4.89 30.09
C GLU B 401 -27.90 5.45 31.48
N ASN B 402 -27.62 6.76 31.54
CA ASN B 402 -27.21 7.35 32.82
C ASN B 402 -28.24 7.14 33.91
N HIS B 403 -29.52 7.06 33.55
CA HIS B 403 -30.59 6.89 34.53
C HIS B 403 -30.91 5.44 34.83
N SER B 404 -30.11 4.50 34.34
CA SER B 404 -30.19 3.09 34.73
C SER B 404 -31.60 2.56 34.57
N ILE B 405 -32.11 2.67 33.34
CA ILE B 405 -33.47 2.28 33.00
C ILE B 405 -33.46 1.47 31.71
N GLU B 406 -34.29 0.45 31.65
CA GLU B 406 -34.51 -0.33 30.42
C GLU B 406 -35.28 0.45 29.38
N GLY B 407 -35.64 1.70 29.68
CA GLY B 407 -36.24 2.55 28.68
C GLY B 407 -35.39 2.71 27.45
N VAL B 408 -34.06 2.69 27.61
CA VAL B 408 -33.10 2.67 26.51
C VAL B 408 -33.60 1.65 25.50
N ARG B 409 -33.91 0.46 26.00
CA ARG B 409 -34.47 -0.64 25.22
C ARG B 409 -35.61 -0.10 24.36
N HIS B 410 -36.69 0.33 25.03
CA HIS B 410 -37.83 0.91 24.33
C HIS B 410 -37.36 1.94 23.32
N VAL B 411 -36.46 2.83 23.74
CA VAL B 411 -36.00 3.92 22.88
C VAL B 411 -35.47 3.36 21.58
N PHE B 412 -34.53 2.40 21.67
CA PHE B 412 -33.92 1.86 20.47
C PHE B 412 -34.99 1.29 19.54
N SER B 413 -35.98 0.60 20.11
CA SER B 413 -37.05 0.05 19.28
C SER B 413 -37.69 1.17 18.46
N ARG B 414 -38.22 2.20 19.15
CA ARG B 414 -38.86 3.29 18.44
C ARG B 414 -37.92 3.90 17.41
N ALA B 415 -36.61 3.89 17.68
CA ALA B 415 -35.66 4.36 16.68
C ALA B 415 -35.61 3.40 15.50
N CYS B 416 -35.25 2.14 15.76
CA CYS B 416 -34.97 1.19 14.70
C CYS B 416 -36.25 0.56 14.16
N THR B 417 -37.13 0.10 15.05
CA THR B 417 -38.35 -0.59 14.64
C THR B 417 -39.22 0.28 13.74
N VAL B 418 -39.07 1.60 13.80
CA VAL B 418 -40.08 2.51 13.28
C VAL B 418 -39.48 3.50 12.28
N HIS B 419 -38.69 4.45 12.79
CA HIS B 419 -38.38 5.65 12.00
C HIS B 419 -37.25 5.42 11.01
N LEU B 420 -36.12 4.89 11.47
CA LEU B 420 -34.92 4.72 10.64
C LEU B 420 -34.46 3.27 10.65
N PRO B 421 -35.21 2.37 10.00
CA PRO B 421 -34.78 0.96 9.96
C PRO B 421 -33.55 0.73 9.09
N LYS B 422 -33.32 1.57 8.08
CA LYS B 422 -32.22 1.34 7.16
C LYS B 422 -30.89 1.80 7.74
N LYS B 423 -30.85 3.01 8.28
CA LYS B 423 -29.64 3.57 8.88
C LYS B 423 -29.06 2.59 9.89
N PRO B 424 -27.87 2.04 9.63
CA PRO B 424 -27.44 0.85 10.36
C PRO B 424 -26.85 1.11 11.75
N MET B 425 -26.04 2.16 11.88
CA MET B 425 -25.35 2.43 13.15
C MET B 425 -26.31 2.41 14.33
N ALA B 426 -27.57 2.80 14.12
CA ALA B 426 -28.58 2.71 15.16
C ALA B 426 -28.76 1.26 15.62
N HIS B 427 -29.08 0.37 14.68
CA HIS B 427 -29.27 -1.03 15.02
C HIS B 427 -28.01 -1.63 15.63
N MET B 428 -26.84 -1.23 15.10
CA MET B 428 -25.56 -1.68 15.65
C MET B 428 -25.44 -1.34 17.14
N LEU B 429 -25.62 -0.05 17.47
CA LEU B 429 -25.54 0.38 18.85
C LEU B 429 -26.58 -0.33 19.72
N TRP B 430 -27.77 -0.54 19.18
CA TRP B 430 -28.82 -1.21 19.95
C TRP B 430 -28.42 -2.64 20.29
N ALA B 431 -28.00 -3.41 19.28
CA ALA B 431 -27.51 -4.77 19.54
C ALA B 431 -26.35 -4.75 20.54
N ALA B 432 -25.48 -3.75 20.44
CA ALA B 432 -24.38 -3.62 21.40
C ALA B 432 -24.91 -3.49 22.82
N PHE B 433 -25.92 -2.63 23.02
CA PHE B 433 -26.50 -2.45 24.35
C PHE B 433 -27.15 -3.75 24.83
N GLU B 434 -27.92 -4.41 23.95
CA GLU B 434 -28.54 -5.69 24.29
C GLU B 434 -27.51 -6.69 24.78
N GLU B 435 -26.42 -6.83 24.03
CA GLU B 435 -25.31 -7.67 24.48
C GLU B 435 -24.79 -7.22 25.84
N GLN B 436 -24.64 -5.91 26.02
CA GLN B 436 -24.06 -5.38 27.26
C GLN B 436 -24.89 -5.78 28.47
N GLN B 437 -26.21 -5.86 28.32
CA GLN B 437 -27.06 -6.20 29.47
C GLN B 437 -27.09 -7.69 29.77
N GLY B 438 -27.31 -8.52 28.76
CA GLY B 438 -27.42 -9.95 29.02
C GLY B 438 -28.49 -10.65 28.22
N ASN B 439 -29.55 -9.93 27.84
CA ASN B 439 -30.49 -10.45 26.85
C ASN B 439 -29.75 -10.52 25.51
N ILE B 440 -29.65 -11.72 24.93
CA ILE B 440 -28.65 -11.97 23.89
C ILE B 440 -29.28 -12.30 22.56
N ASN B 441 -29.99 -13.44 22.48
CA ASN B 441 -30.55 -13.89 21.20
C ASN B 441 -31.37 -12.80 20.53
N GLU B 442 -31.93 -11.88 21.31
CA GLU B 442 -32.61 -10.71 20.74
C GLU B 442 -31.66 -9.93 19.82
N ALA B 443 -30.39 -9.79 20.21
CA ALA B 443 -29.43 -9.10 19.35
C ALA B 443 -29.22 -9.86 18.03
N ARG B 444 -29.08 -11.19 18.13
CA ARG B 444 -29.06 -12.02 16.93
C ARG B 444 -30.25 -11.73 16.04
N ILE B 445 -31.45 -11.60 16.64
CA ILE B 445 -32.67 -11.39 15.85
C ILE B 445 -32.68 -9.99 15.25
N ILE B 446 -32.16 -9.00 15.98
CA ILE B 446 -31.95 -7.66 15.42
C ILE B 446 -31.15 -7.77 14.13
N LEU B 447 -30.03 -8.49 14.20
CA LEU B 447 -29.14 -8.59 13.04
C LEU B 447 -29.80 -9.37 11.90
N ARG B 448 -30.42 -10.51 12.22
CA ARG B 448 -31.09 -11.30 11.19
C ARG B 448 -32.18 -10.48 10.49
N THR B 449 -32.98 -9.74 11.25
CA THR B 449 -34.03 -8.90 10.67
C THR B 449 -33.41 -7.82 9.78
N PHE B 450 -32.39 -7.13 10.28
CA PHE B 450 -31.76 -6.07 9.50
C PHE B 450 -31.22 -6.63 8.18
N GLU B 451 -30.38 -7.66 8.25
CA GLU B 451 -29.77 -8.22 7.06
C GLU B 451 -30.84 -8.75 6.10
N GLU B 452 -31.88 -9.38 6.63
CA GLU B 452 -33.04 -9.78 5.85
C GLU B 452 -33.67 -8.58 5.14
N CYS B 453 -33.58 -7.40 5.73
CA CYS B 453 -34.22 -6.23 5.15
C CYS B 453 -33.34 -5.56 4.09
N VAL B 454 -32.04 -5.40 4.35
CA VAL B 454 -31.18 -4.51 3.58
C VAL B 454 -30.01 -5.26 2.95
N LEU B 455 -30.21 -6.54 2.65
CA LEU B 455 -29.40 -7.25 1.66
C LEU B 455 -27.92 -7.37 2.05
N GLY B 456 -27.63 -7.45 3.34
CA GLY B 456 -26.28 -7.75 3.77
C GLY B 456 -25.33 -6.56 3.66
N LEU B 457 -24.48 -6.36 4.66
CA LEU B 457 -23.54 -5.25 4.65
C LEU B 457 -22.30 -5.65 5.44
N ALA B 458 -21.27 -4.80 5.34
CA ALA B 458 -20.01 -5.05 6.04
C ALA B 458 -20.27 -5.15 7.53
N MET B 459 -20.55 -4.00 8.17
CA MET B 459 -20.76 -3.93 9.61
C MET B 459 -21.70 -5.03 10.08
N VAL B 460 -22.68 -5.39 9.25
CA VAL B 460 -23.73 -6.34 9.61
C VAL B 460 -23.13 -7.72 9.85
N ARG B 461 -22.64 -8.34 8.78
CA ARG B 461 -22.08 -9.69 8.91
C ARG B 461 -20.89 -9.70 9.86
N LEU B 462 -20.08 -8.64 9.83
CA LEU B 462 -18.92 -8.57 10.73
C LEU B 462 -19.35 -8.64 12.18
N ARG B 463 -20.35 -7.82 12.57
CA ARG B 463 -20.78 -7.80 13.97
C ARG B 463 -21.47 -9.10 14.35
N ARG B 464 -22.28 -9.65 13.43
CA ARG B 464 -22.96 -10.91 13.69
C ARG B 464 -21.96 -12.02 13.99
N VAL B 465 -20.96 -12.17 13.12
CA VAL B 465 -19.91 -13.16 13.34
C VAL B 465 -19.15 -12.84 14.61
N SER B 466 -18.83 -11.56 14.84
CA SER B 466 -18.00 -11.20 15.98
C SER B 466 -18.66 -11.57 17.30
N LEU B 467 -19.97 -11.35 17.41
CA LEU B 467 -20.66 -11.75 18.64
C LEU B 467 -20.74 -13.26 18.76
N GLU B 468 -21.21 -13.95 17.70
CA GLU B 468 -21.25 -15.41 17.78
C GLU B 468 -19.88 -16.01 18.13
N ARG B 469 -18.82 -15.32 17.73
CA ARG B 469 -17.46 -15.66 18.14
C ARG B 469 -17.26 -15.45 19.63
N ARG B 470 -17.44 -14.21 20.09
CA ARG B 470 -17.09 -13.84 21.47
C ARG B 470 -17.80 -14.72 22.49
N HIS B 471 -18.97 -15.25 22.17
CA HIS B 471 -19.73 -16.06 23.10
C HIS B 471 -19.60 -17.55 22.82
N GLY B 472 -18.78 -17.94 21.86
CA GLY B 472 -18.25 -19.29 21.78
C GLY B 472 -19.01 -20.27 20.90
N ASN B 473 -20.08 -19.83 20.24
CA ASN B 473 -20.77 -20.69 19.27
C ASN B 473 -20.09 -20.55 17.90
N MET B 474 -18.84 -21.00 17.87
CA MET B 474 -17.97 -20.80 16.70
C MET B 474 -18.52 -21.46 15.45
N GLU B 475 -19.28 -22.55 15.59
CA GLU B 475 -19.85 -23.21 14.42
C GLU B 475 -20.72 -22.27 13.61
N GLU B 476 -21.64 -21.58 14.29
CA GLU B 476 -22.47 -20.59 13.61
C GLU B 476 -21.63 -19.45 13.05
N ALA B 477 -20.58 -19.06 13.76
CA ALA B 477 -19.69 -18.01 13.27
C ALA B 477 -19.07 -18.40 11.94
N GLU B 478 -18.59 -19.65 11.84
CA GLU B 478 -18.11 -20.16 10.55
C GLU B 478 -19.22 -20.13 9.50
N HIS B 479 -20.40 -20.67 9.86
CA HIS B 479 -21.45 -20.83 8.85
C HIS B 479 -21.91 -19.49 8.30
N LEU B 480 -21.84 -18.42 9.10
CA LEU B 480 -22.17 -17.10 8.57
C LEU B 480 -21.25 -16.75 7.40
N LEU B 481 -19.94 -16.91 7.57
CA LEU B 481 -19.00 -16.58 6.50
C LEU B 481 -19.11 -17.55 5.33
N GLN B 482 -19.41 -18.82 5.62
CA GLN B 482 -19.67 -19.79 4.56
C GLN B 482 -20.81 -19.33 3.67
N ASP B 483 -21.96 -19.03 4.27
CA ASP B 483 -23.09 -18.50 3.50
C ASP B 483 -22.73 -17.19 2.83
N ALA B 484 -21.89 -16.38 3.47
CA ALA B 484 -21.50 -15.08 2.92
C ALA B 484 -20.77 -15.26 1.60
N ILE B 485 -19.75 -16.12 1.56
CA ILE B 485 -19.08 -16.39 0.30
C ILE B 485 -20.01 -17.09 -0.67
N LYS B 486 -20.88 -17.96 -0.17
CA LYS B 486 -21.85 -18.67 -1.02
C LYS B 486 -22.69 -17.69 -1.82
N ASN B 487 -23.21 -16.65 -1.16
CA ASN B 487 -24.19 -15.75 -1.75
C ASN B 487 -23.57 -14.44 -2.21
N ALA B 488 -22.31 -14.20 -1.89
CA ALA B 488 -21.65 -12.96 -2.26
C ALA B 488 -21.79 -12.71 -3.76
N LYS B 489 -21.97 -11.44 -4.12
CA LYS B 489 -22.26 -11.05 -5.49
C LYS B 489 -20.99 -10.74 -6.28
N SER B 490 -20.10 -9.95 -5.71
CA SER B 490 -18.88 -9.55 -6.39
C SER B 490 -17.76 -10.53 -6.05
N ASN B 491 -16.98 -10.90 -7.07
CA ASN B 491 -15.82 -11.76 -6.84
C ASN B 491 -14.90 -11.18 -5.78
N ASN B 492 -14.66 -9.87 -5.83
CA ASN B 492 -13.85 -9.22 -4.81
C ASN B 492 -14.55 -9.26 -3.45
N GLU B 493 -15.88 -9.17 -3.43
CA GLU B 493 -16.65 -9.27 -2.19
C GLU B 493 -16.49 -10.66 -1.56
N SER B 494 -16.71 -11.71 -2.35
CA SER B 494 -16.51 -13.07 -1.85
C SER B 494 -15.06 -13.29 -1.41
N SER B 495 -14.11 -12.69 -2.14
CA SER B 495 -12.71 -12.73 -1.74
C SER B 495 -12.51 -12.11 -0.35
N PHE B 496 -13.14 -10.96 -0.11
CA PHE B 496 -13.03 -10.29 1.18
C PHE B 496 -13.58 -11.17 2.29
N TYR B 497 -14.79 -11.70 2.09
CA TYR B 497 -15.38 -12.60 3.08
C TYR B 497 -14.47 -13.80 3.34
N ALA B 498 -13.86 -14.36 2.28
CA ALA B 498 -12.96 -15.50 2.44
C ALA B 498 -11.70 -15.12 3.22
N ILE B 499 -11.16 -13.93 2.97
CA ILE B 499 -10.01 -13.46 3.74
C ILE B 499 -10.35 -13.39 5.23
N LYS B 500 -11.51 -12.80 5.55
CA LYS B 500 -11.91 -12.68 6.96
C LYS B 500 -12.12 -14.07 7.58
N LEU B 501 -12.74 -14.98 6.82
CA LEU B 501 -12.89 -16.36 7.28
C LEU B 501 -11.54 -17.02 7.55
N ALA B 502 -10.59 -16.86 6.62
CA ALA B 502 -9.29 -17.50 6.78
C ALA B 502 -8.58 -16.97 8.01
N ARG B 503 -8.54 -15.64 8.17
CA ARG B 503 -7.92 -15.06 9.35
C ARG B 503 -8.55 -15.59 10.62
N HIS B 504 -9.89 -15.53 10.73
CA HIS B 504 -10.53 -16.03 11.93
C HIS B 504 -10.20 -17.49 12.17
N LEU B 505 -10.37 -18.32 11.14
CA LEU B 505 -10.26 -19.76 11.33
C LEU B 505 -8.85 -20.12 11.78
N PHE B 506 -7.84 -19.56 11.12
CA PHE B 506 -6.46 -19.88 11.44
C PHE B 506 -6.06 -19.33 12.81
N LYS B 507 -6.30 -18.03 13.06
CA LYS B 507 -5.82 -17.42 14.29
C LYS B 507 -6.63 -17.85 15.52
N ILE B 508 -7.91 -18.20 15.36
CA ILE B 508 -8.78 -18.49 16.49
C ILE B 508 -8.89 -20.00 16.69
N GLN B 509 -9.35 -20.72 15.66
CA GLN B 509 -9.60 -22.15 15.77
C GLN B 509 -8.42 -22.99 15.30
N LYS B 510 -7.29 -22.36 14.98
CA LYS B 510 -6.09 -23.02 14.47
C LYS B 510 -6.51 -23.70 13.16
N ASN B 511 -6.23 -24.99 12.95
CA ASN B 511 -6.56 -25.70 11.73
C ASN B 511 -6.12 -24.88 10.51
N LEU B 512 -4.83 -24.53 10.52
CA LEU B 512 -4.21 -23.80 9.41
C LEU B 512 -4.42 -24.48 8.05
N PRO B 513 -4.33 -25.80 7.91
CA PRO B 513 -4.62 -26.42 6.60
C PRO B 513 -5.99 -26.03 6.03
N LYS B 514 -7.04 -26.00 6.85
CA LYS B 514 -8.35 -25.63 6.35
C LYS B 514 -8.37 -24.17 5.88
N SER B 515 -7.65 -23.29 6.58
CA SER B 515 -7.53 -21.92 6.11
C SER B 515 -6.83 -21.87 4.75
N ARG B 516 -5.78 -22.67 4.59
CA ARG B 516 -5.11 -22.78 3.29
C ARG B 516 -6.10 -23.16 2.20
N LYS B 517 -6.86 -24.24 2.43
CA LYS B 517 -7.79 -24.73 1.42
C LYS B 517 -8.86 -23.68 1.11
N VAL B 518 -9.32 -22.96 2.14
CA VAL B 518 -10.27 -21.88 1.93
C VAL B 518 -9.67 -20.83 1.02
N LEU B 519 -8.42 -20.43 1.32
CA LEU B 519 -7.75 -19.44 0.50
C LEU B 519 -7.62 -19.90 -0.95
N LEU B 520 -7.26 -21.17 -1.17
CA LEU B 520 -7.07 -21.66 -2.53
C LEU B 520 -8.39 -21.72 -3.30
N GLU B 521 -9.48 -22.10 -2.62
CA GLU B 521 -10.81 -21.95 -3.21
C GLU B 521 -11.01 -20.52 -3.68
N ALA B 522 -10.73 -19.56 -2.78
CA ALA B 522 -10.89 -18.14 -3.11
C ALA B 522 -10.00 -17.75 -4.30
N ILE B 523 -8.80 -18.34 -4.40
CA ILE B 523 -7.91 -18.04 -5.51
C ILE B 523 -8.52 -18.50 -6.82
N GLU B 524 -8.84 -19.79 -6.91
CA GLU B 524 -9.49 -20.33 -8.11
C GLU B 524 -10.70 -19.49 -8.50
N LYS B 525 -11.40 -18.93 -7.51
CA LYS B 525 -12.50 -18.03 -7.80
C LYS B 525 -11.99 -16.73 -8.43
N ASP B 526 -10.99 -16.09 -7.80
CA ASP B 526 -10.50 -14.78 -8.23
C ASP B 526 -9.21 -14.84 -9.03
N LYS B 527 -8.16 -15.48 -8.50
CA LYS B 527 -6.83 -15.56 -9.09
C LYS B 527 -6.11 -14.21 -9.17
N GLU B 528 -6.83 -13.12 -9.44
CA GLU B 528 -6.18 -11.88 -9.86
C GLU B 528 -6.04 -10.84 -8.76
N ASN B 529 -6.74 -10.96 -7.63
CA ASN B 529 -6.69 -9.92 -6.61
C ASN B 529 -5.51 -10.22 -5.68
N THR B 530 -4.68 -9.20 -5.45
CA THR B 530 -3.43 -9.40 -4.72
C THR B 530 -3.67 -9.74 -3.26
N LYS B 531 -4.70 -9.14 -2.64
CA LYS B 531 -4.91 -9.26 -1.20
C LYS B 531 -4.92 -10.71 -0.73
N LEU B 532 -5.51 -11.61 -1.52
CA LEU B 532 -5.51 -13.02 -1.16
C LEU B 532 -4.08 -13.54 -0.99
N TYR B 533 -3.25 -13.33 -2.02
CA TYR B 533 -1.86 -13.80 -1.96
C TYR B 533 -1.12 -13.16 -0.80
N LEU B 534 -1.33 -11.85 -0.58
CA LEU B 534 -0.66 -11.16 0.52
C LEU B 534 -1.03 -11.81 1.86
N ASN B 535 -2.32 -12.08 2.06
CA ASN B 535 -2.76 -12.68 3.33
C ASN B 535 -2.21 -14.09 3.50
N LEU B 536 -2.24 -14.90 2.43
CA LEU B 536 -1.66 -16.23 2.49
C LEU B 536 -0.17 -16.19 2.82
N LEU B 537 0.57 -15.27 2.19
CA LEU B 537 2.02 -15.17 2.44
C LEU B 537 2.29 -14.75 3.87
N GLU B 538 1.59 -13.71 4.36
CA GLU B 538 1.72 -13.29 5.75
C GLU B 538 1.44 -14.45 6.69
N MET B 539 0.40 -15.23 6.38
CA MET B 539 0.05 -16.40 7.19
C MET B 539 1.21 -17.39 7.23
N GLU B 540 1.66 -17.85 6.06
CA GLU B 540 2.68 -18.89 6.00
C GLU B 540 3.98 -18.42 6.63
N TYR B 541 4.36 -17.17 6.38
CA TYR B 541 5.52 -16.57 7.03
C TYR B 541 5.35 -16.58 8.55
N SER B 542 4.12 -16.40 9.03
CA SER B 542 3.90 -16.39 10.48
C SER B 542 4.28 -17.72 11.12
N CYS B 543 4.07 -18.83 10.40
CA CYS B 543 4.53 -20.11 10.90
C CYS B 543 6.05 -20.17 10.83
N ASP B 544 6.63 -21.23 11.41
CA ASP B 544 8.09 -21.34 11.43
C ASP B 544 8.63 -21.48 10.02
N LEU B 545 9.85 -20.98 9.80
CA LEU B 545 10.47 -21.04 8.49
C LEU B 545 11.12 -22.41 8.32
N LYS B 546 10.27 -23.40 8.03
CA LYS B 546 10.68 -24.81 7.96
C LYS B 546 9.57 -25.66 7.36
N GLN B 547 8.49 -25.86 8.12
CA GLN B 547 7.30 -26.50 7.55
C GLN B 547 6.80 -25.70 6.36
N ASN B 548 6.65 -24.39 6.55
CA ASN B 548 6.33 -23.45 5.48
C ASN B 548 7.56 -22.90 4.76
N GLU B 549 8.77 -23.37 5.08
CA GLU B 549 9.93 -23.00 4.27
C GLU B 549 9.65 -23.18 2.78
N GLU B 550 9.34 -24.41 2.37
CA GLU B 550 9.01 -24.67 0.97
C GLU B 550 7.66 -24.07 0.60
N ASN B 551 6.70 -24.08 1.52
CA ASN B 551 5.35 -23.61 1.23
C ASN B 551 5.35 -22.13 0.82
N ILE B 552 6.12 -21.30 1.51
CA ILE B 552 6.25 -19.89 1.14
C ILE B 552 6.70 -19.78 -0.30
N LEU B 553 7.68 -20.61 -0.69
CA LEU B 553 8.17 -20.64 -2.05
C LEU B 553 7.07 -21.06 -3.03
N ASN B 554 6.24 -22.03 -2.64
CA ASN B 554 5.11 -22.43 -3.47
C ASN B 554 4.16 -21.24 -3.68
N CYS B 555 3.86 -20.52 -2.61
CA CYS B 555 2.99 -19.34 -2.70
C CYS B 555 3.58 -18.30 -3.64
N PHE B 556 4.84 -17.94 -3.41
CA PHE B 556 5.54 -16.96 -4.24
C PHE B 556 5.54 -17.38 -5.70
N ASP B 557 5.90 -18.64 -5.97
CA ASP B 557 5.99 -19.15 -7.33
C ASP B 557 4.63 -19.09 -8.03
N LYS B 558 3.57 -19.54 -7.34
CA LYS B 558 2.24 -19.51 -7.93
C LYS B 558 1.78 -18.08 -8.19
N ALA B 559 2.17 -17.14 -7.32
CA ALA B 559 1.86 -15.74 -7.56
C ALA B 559 2.53 -15.24 -8.83
N ILE B 560 3.85 -15.45 -8.94
CA ILE B 560 4.60 -14.84 -10.04
C ILE B 560 4.32 -15.55 -11.36
N HIS B 561 4.20 -16.89 -11.33
CA HIS B 561 3.92 -17.69 -12.51
C HIS B 561 2.47 -17.62 -12.93
N GLY B 562 1.73 -16.63 -12.44
CA GLY B 562 0.30 -16.57 -12.69
C GLY B 562 -0.03 -16.48 -14.16
N SER B 563 -1.25 -16.89 -14.49
CA SER B 563 -1.71 -16.97 -15.88
C SER B 563 -1.46 -15.67 -16.63
N LEU B 564 -1.96 -14.55 -16.09
CA LEU B 564 -1.73 -13.25 -16.68
C LEU B 564 -0.67 -12.50 -15.89
N PRO B 565 0.47 -12.19 -16.49
CA PRO B 565 1.53 -11.49 -15.75
C PRO B 565 1.14 -10.06 -15.41
N ILE B 566 1.46 -9.66 -14.18
CA ILE B 566 1.04 -8.39 -13.61
C ILE B 566 2.29 -7.65 -13.16
N LYS B 567 2.27 -6.30 -13.23
CA LYS B 567 3.27 -5.54 -12.51
C LYS B 567 3.33 -6.00 -11.05
N MET B 568 2.19 -6.37 -10.50
CA MET B 568 2.15 -6.91 -9.15
C MET B 568 2.94 -8.21 -9.05
N ARG B 569 2.92 -9.04 -10.12
CA ARG B 569 3.80 -10.21 -10.13
C ARG B 569 5.26 -9.79 -10.01
N ILE B 570 5.62 -8.65 -10.58
CA ILE B 570 6.99 -8.16 -10.48
C ILE B 570 7.27 -7.70 -9.05
N THR B 571 6.29 -7.07 -8.40
CA THR B 571 6.44 -6.78 -6.98
C THR B 571 6.64 -8.06 -6.18
N PHE B 572 5.97 -9.13 -6.59
CA PHE B 572 6.14 -10.42 -5.93
C PHE B 572 7.54 -10.98 -6.17
N SER B 573 8.08 -10.76 -7.37
CA SER B 573 9.49 -11.09 -7.62
C SER B 573 10.38 -10.32 -6.66
N GLN B 574 10.14 -9.02 -6.53
CA GLN B 574 10.85 -8.20 -5.56
C GLN B 574 10.84 -8.84 -4.18
N ARG B 575 9.66 -9.24 -3.73
CA ARG B 575 9.53 -9.69 -2.35
C ARG B 575 10.06 -11.11 -2.16
N LYS B 576 9.96 -11.95 -3.19
CA LYS B 576 10.63 -13.25 -3.17
C LYS B 576 12.14 -13.08 -3.03
N VAL B 577 12.71 -12.15 -3.80
CA VAL B 577 14.14 -11.89 -3.70
C VAL B 577 14.48 -11.35 -2.32
N GLU B 578 13.70 -10.36 -1.85
CA GLU B 578 13.94 -9.79 -0.54
C GLU B 578 13.93 -10.87 0.55
N PHE B 579 12.95 -11.78 0.46
CA PHE B 579 12.89 -12.93 1.36
C PHE B 579 14.17 -13.75 1.30
N LEU B 580 14.48 -14.29 0.11
CA LEU B 580 15.61 -15.19 -0.03
C LEU B 580 16.92 -14.53 0.37
N GLU B 581 17.10 -13.26 -0.02
CA GLU B 581 18.27 -12.51 0.41
C GLU B 581 18.31 -12.39 1.92
N ASP B 582 17.16 -12.15 2.55
CA ASP B 582 17.14 -12.13 4.01
C ASP B 582 17.45 -13.50 4.59
N PHE B 583 16.77 -14.54 4.10
CA PHE B 583 17.01 -15.90 4.59
C PHE B 583 17.05 -16.84 3.40
N GLY B 584 18.13 -17.60 3.29
CA GLY B 584 18.28 -18.51 2.18
C GLY B 584 18.95 -19.80 2.58
N SER B 585 18.43 -20.92 2.09
CA SER B 585 19.09 -22.20 2.36
C SER B 585 20.41 -22.29 1.60
N ASP B 586 20.36 -22.13 0.28
CA ASP B 586 21.55 -22.13 -0.56
C ASP B 586 21.37 -21.07 -1.65
N VAL B 587 22.47 -20.36 -1.96
CA VAL B 587 22.42 -19.20 -2.83
C VAL B 587 21.85 -19.55 -4.20
N ASN B 588 22.11 -20.77 -4.68
CA ASN B 588 21.57 -21.24 -5.96
C ASN B 588 20.13 -20.79 -6.17
N LYS B 589 19.30 -20.94 -5.13
CA LYS B 589 17.91 -20.50 -5.18
C LYS B 589 17.82 -19.00 -5.43
N LEU B 590 18.62 -18.21 -4.69
CA LEU B 590 18.64 -16.76 -4.87
C LEU B 590 19.06 -16.38 -6.29
N LEU B 591 20.01 -17.10 -6.85
CA LEU B 591 20.52 -16.77 -8.17
C LEU B 591 19.48 -17.07 -9.25
N ASN B 592 18.88 -18.26 -9.19
CA ASN B 592 17.78 -18.57 -10.12
C ASN B 592 16.62 -17.60 -9.95
N ALA B 593 16.34 -17.16 -8.71
CA ALA B 593 15.29 -16.17 -8.49
C ALA B 593 15.64 -14.85 -9.17
N TYR B 594 16.89 -14.40 -9.05
CA TYR B 594 17.31 -13.19 -9.73
C TYR B 594 17.20 -13.35 -11.24
N ASP B 595 17.47 -14.57 -11.74
CA ASP B 595 17.32 -14.86 -13.16
C ASP B 595 15.87 -14.66 -13.59
N GLU B 596 14.93 -15.25 -12.85
CA GLU B 596 13.51 -15.07 -13.16
C GLU B 596 13.14 -13.59 -13.11
N HIS B 597 13.66 -12.87 -12.11
CA HIS B 597 13.36 -11.45 -11.97
C HIS B 597 13.79 -10.65 -13.20
N GLN B 598 15.05 -10.82 -13.61
CA GLN B 598 15.55 -10.12 -14.80
C GLN B 598 14.80 -10.53 -16.06
N THR B 599 14.50 -11.83 -16.22
CA THR B 599 13.71 -12.28 -17.36
C THR B 599 12.37 -11.57 -17.42
N LEU B 600 11.72 -11.42 -16.27
CA LEU B 600 10.44 -10.72 -16.23
C LEU B 600 10.61 -9.24 -16.55
N LEU B 601 11.69 -8.62 -16.06
CA LEU B 601 11.99 -7.25 -16.43
C LEU B 601 12.04 -7.10 -17.95
N LYS B 602 12.76 -8.04 -18.60
CA LYS B 602 12.90 -7.98 -20.05
C LYS B 602 11.54 -8.12 -20.73
N GLU B 603 10.78 -9.16 -20.38
CA GLU B 603 9.50 -9.38 -21.04
C GLU B 603 8.54 -8.21 -20.80
N GLN B 604 8.58 -7.62 -19.61
CA GLN B 604 7.78 -6.44 -19.31
C GLN B 604 8.14 -5.30 -20.25
N ASP B 605 9.44 -5.07 -20.45
CA ASP B 605 9.85 -4.01 -21.37
C ASP B 605 9.46 -4.32 -22.81
N THR B 606 9.45 -5.60 -23.20
CA THR B 606 9.09 -5.97 -24.57
C THR B 606 7.65 -5.59 -24.89
N LEU B 607 6.71 -6.01 -24.04
CA LEU B 607 5.28 -5.87 -24.29
C LEU B 607 4.82 -4.42 -24.34
#